data_7CKX
#
_entry.id   7CKX
#
_cell.length_a   1.00
_cell.length_b   1.00
_cell.length_c   1.00
_cell.angle_alpha   90.00
_cell.angle_beta   90.00
_cell.angle_gamma   90.00
#
_symmetry.space_group_name_H-M   'P 1'
#
loop_
_entity.id
_entity.type
_entity.pdbx_description
1 polymer 'Guanine nucleotide-binding protein G(s) subunit alpha isoforms short'
2 polymer 'Guanine nucleotide-binding protein G(I)/G(S)/G(T) subunit beta-1'
3 polymer 'Guanine nucleotide-binding protein G(I)/G(S)/G(O) subunit gamma-2'
4 polymer 'Nanobody 35'
5 polymer 'D(1A) dopamine receptor'
6 non-polymer (1R,3S)-3-(1-adamantyl)-1-(aminomethyl)-3,4-dihydro-1H-isochromene-5,6-diol
7 non-polymer CHOLESTEROL
#
loop_
_entity_poly.entity_id
_entity_poly.type
_entity_poly.pdbx_seq_one_letter_code
_entity_poly.pdbx_strand_id
1 'polypeptide(L)'
;MGCLGNSKTEDQRNEEKAQREANKKIEKQLQKDKQVYRATHRLLLLGAGESGKSTIVKQMRILHVNGFNGEGGEEDPQAA
RSNSDGEKATKVQDIKNNLKEAIETIVAAMSNLVPPVELANPENQFRVDYILSVMNVPDFDFPPEFYEHAKALWEDEGVR
ACYERSNEYQLIDCAQYFLDKIDVIKQADYVPSDQDLLRCRVLTTGIFETKFQVDKVNFHMFDVGAQRDERRKWIQCFND
VTAIIFVVASSSYNMVIREDNQTNRLQEALNLFKSIWNNRWLRTISVILFLNKQDLLAEKVLAGKSKIEDYFPEFARYTT
PEDATPEPGEDPRVTRAKYFIRDEFLRISTASGDGRHYCYPHFTCSVDTENIRRVFNDCRDIIQRMHLRQYELL
;
A
2 'polypeptide(L)'
;MHHHHLEVLFQGPGSSGSELDQLRQEAEQLKNQIRDARKACADATLSQITNNIDPVGRIQMRTRRTLRGHLAKIYAMHWG
TDSRLLVSASQDGKLIIWDSYTTNKVHAIPLRSSWVMTCAYAPSGNYVACGGLDNICSIYNLKTREGNVRVSRELAGHTG
YLSCCRFLDDNQIVTSSGDTTCALWDIETGQQTTTFTGHTGDVMSLSLAPDTRLFVSGACDASAKLWDVREGMCRQTFTG
HESDINAICFFPNGNAFATGSDDATCRLFDLRADQELMTYSHDNIICGITSVSFSKSGRLLLAGYDDFNCNVWDALKADR
AGVLAGHDNRVSCLGVTDDGMAVATGSWDSFLKIWN
;
B
3 'polypeptide(L)' MASNNTASIAQARKLVEQLKMEANIDRIKVSKAAADLMAYCEAHAKEDPLLTPVPASENPFREKKFFCAIL G
4 'polypeptide(L)'
;MKYLLPTAAAGLLLLAAQPAMAQVQLQESGGGLVQPGGSLRLSCAASGFTFSNYKMNWVRQAPGKGLEWVSDISQSGASI
SYTGSVKGRFTISRDNAKNTLYLQMNSLKPEDTAVYYCARCPAPFTRDCFDVTSTTYAYRGQGTQVTVSSHHHHHH
;
N
5 'polypeptide(L)'
;DYKDDDAMRTLNTSAMDGTGLVVERDFSVRILTACFLSLLILSTLLGNTLVCAAVIRFRHLRSKVTNFFVISLAVSDLLV
AVLVMPWKAVAEIAGFWPFGSFCNIWVAFDIMCSTASILNLCVISVDRYWAISSPFRYERKMTPKAAFILISVAWTLSVL
ISFIPVQLSWHKAKPTSPSDGNATSLAETIDNCDSSLSRTYAISSSVISFYIPVAIMIVTYTRIYRIAQKQIRRIAALER
AAVHAKNCQTTTGNGKPVECSQPESSFKMSFKRETKVLKTLSVIMGVFVCCWLPFFILNCILPFCGSGETQPFCIDSNTF
DVFVWFGWANSSLNPIIYAFNADFRKAFSTLLGCYRLCPATNNAIETVSINNNGAAMFSSHHEPRGSISKECNLVYLIPH
AVGSSEDLKKEEAAGIARPLEKLSPALSVILDYDTDVSLEKIQPITQNGQHPT
;
R
#
# COMPACT_ATOMS: atom_id res chain seq x y z
N ASP A 11 -25.51 24.89 -23.49
CA ASP A 11 -24.75 24.53 -24.68
C ASP A 11 -23.29 24.25 -24.33
N GLN A 12 -22.43 25.24 -24.57
CA GLN A 12 -21.01 25.10 -24.27
C GLN A 12 -20.66 25.53 -22.85
N ARG A 13 -21.35 26.54 -22.32
CA ARG A 13 -21.10 27.00 -20.97
C ARG A 13 -22.36 27.30 -20.17
N ASN A 14 -23.54 27.02 -20.72
CA ASN A 14 -24.77 27.29 -19.98
C ASN A 14 -24.90 26.36 -18.78
N GLU A 15 -24.60 25.07 -18.97
CA GLU A 15 -24.64 24.10 -17.88
C GLU A 15 -23.26 23.71 -17.37
N GLU A 16 -22.21 23.96 -18.15
CA GLU A 16 -20.86 23.63 -17.69
C GLU A 16 -20.37 24.59 -16.62
N LYS A 17 -20.92 25.81 -16.59
CA LYS A 17 -20.53 26.76 -15.55
C LYS A 17 -21.06 26.33 -14.18
N ALA A 18 -22.30 25.87 -14.12
CA ALA A 18 -22.84 25.35 -12.86
C ALA A 18 -22.09 24.10 -12.43
N GLN A 19 -21.69 23.27 -13.40
CA GLN A 19 -20.91 22.08 -13.08
C GLN A 19 -19.54 22.47 -12.52
N ARG A 20 -18.91 23.50 -13.09
CA ARG A 20 -17.63 23.95 -12.57
C ARG A 20 -17.77 24.56 -11.17
N GLU A 21 -18.87 25.27 -10.93
CA GLU A 21 -19.11 25.80 -9.59
C GLU A 21 -19.32 24.69 -8.58
N ALA A 22 -20.06 23.64 -8.96
CA ALA A 22 -20.24 22.49 -8.08
C ALA A 22 -18.91 21.78 -7.83
N ASN A 23 -18.08 21.68 -8.86
CA ASN A 23 -16.76 21.06 -8.69
C ASN A 23 -15.89 21.90 -7.77
N LYS A 24 -15.98 23.22 -7.85
CA LYS A 24 -15.22 24.08 -6.96
C LYS A 24 -15.71 23.94 -5.52
N LYS A 25 -17.02 23.83 -5.32
CA LYS A 25 -17.55 23.60 -3.98
C LYS A 25 -17.09 22.26 -3.43
N ILE A 26 -17.07 21.23 -4.28
CA ILE A 26 -16.59 19.92 -3.84
C ILE A 26 -15.11 19.97 -3.51
N GLU A 27 -14.33 20.72 -4.29
CA GLU A 27 -12.91 20.88 -4.00
C GLU A 27 -12.70 21.60 -2.68
N LYS A 28 -13.51 22.61 -2.39
CA LYS A 28 -13.43 23.29 -1.10
C LYS A 28 -13.75 22.34 0.04
N GLN A 29 -14.82 21.53 -0.13
CA GLN A 29 -15.18 20.56 0.90
C GLN A 29 -14.06 19.54 1.11
N LEU A 30 -13.41 19.11 0.03
CA LEU A 30 -12.35 18.11 0.14
C LEU A 30 -11.11 18.70 0.78
N GLN A 31 -10.76 19.95 0.45
CA GLN A 31 -9.61 20.58 1.08
C GLN A 31 -9.88 20.93 2.53
N LYS A 32 -11.15 21.09 2.92
CA LYS A 32 -11.48 21.25 4.33
C LYS A 32 -11.42 19.92 5.07
N ASP A 33 -11.85 18.84 4.41
CA ASP A 33 -11.80 17.51 5.02
C ASP A 33 -10.38 16.97 5.09
N LYS A 34 -9.48 17.47 4.23
CA LYS A 34 -8.10 16.97 4.22
C LYS A 34 -7.41 17.22 5.56
N GLN A 35 -7.66 18.38 6.18
CA GLN A 35 -7.04 18.69 7.46
C GLN A 35 -7.46 17.70 8.53
N VAL A 36 -8.78 17.51 8.69
CA VAL A 36 -9.28 16.61 9.72
C VAL A 36 -9.01 15.14 9.38
N TYR A 37 -8.70 14.83 8.12
CA TYR A 37 -8.36 13.46 7.77
C TYR A 37 -6.90 13.16 8.06
N ARG A 38 -5.99 14.01 7.58
CA ARG A 38 -4.57 13.81 7.82
C ARG A 38 -4.22 13.99 9.29
N ALA A 39 -4.94 14.86 9.99
CA ALA A 39 -4.75 14.99 11.44
C ALA A 39 -5.28 13.77 12.19
N THR A 40 -6.20 13.02 11.58
CA THR A 40 -6.72 11.80 12.17
C THR A 40 -5.80 10.64 11.85
N HIS A 41 -5.33 9.95 12.89
CA HIS A 41 -4.41 8.83 12.74
C HIS A 41 -5.19 7.55 13.03
N ARG A 42 -5.53 6.83 11.97
CA ARG A 42 -6.27 5.57 12.12
C ARG A 42 -5.40 4.53 12.81
N LEU A 43 -6.05 3.57 13.45
CA LEU A 43 -5.38 2.52 14.20
C LEU A 43 -6.07 1.19 13.93
N LEU A 44 -5.43 0.33 13.13
CA LEU A 44 -5.99 -0.98 12.85
C LEU A 44 -5.81 -1.89 14.07
N LEU A 45 -6.92 -2.44 14.57
CA LEU A 45 -6.92 -3.32 15.72
C LEU A 45 -7.39 -4.70 15.29
N LEU A 46 -6.55 -5.71 15.54
CA LEU A 46 -6.88 -7.08 15.20
C LEU A 46 -6.26 -8.01 16.24
N GLY A 47 -6.54 -9.30 16.10
CA GLY A 47 -6.00 -10.29 17.01
C GLY A 47 -6.22 -11.68 16.46
N ALA A 48 -5.59 -12.65 17.14
CA ALA A 48 -5.70 -14.05 16.74
C ALA A 48 -7.02 -14.68 17.17
N GLY A 49 -7.76 -14.05 18.08
CA GLY A 49 -9.02 -14.58 18.54
C GLY A 49 -9.17 -14.47 20.04
N GLU A 50 -10.26 -13.85 20.49
CA GLU A 50 -10.58 -13.61 21.91
C GLU A 50 -9.34 -13.19 22.70
N SER A 51 -8.47 -12.39 22.08
CA SER A 51 -7.20 -11.99 22.67
C SER A 51 -7.30 -10.74 23.52
N GLY A 52 -8.50 -10.39 23.99
CA GLY A 52 -8.68 -9.23 24.83
C GLY A 52 -8.90 -7.93 24.10
N LYS A 53 -9.15 -7.97 22.78
CA LYS A 53 -9.42 -6.74 22.05
C LYS A 53 -10.72 -6.08 22.50
N SER A 54 -11.65 -6.87 23.05
CA SER A 54 -12.90 -6.30 23.56
C SER A 54 -12.63 -5.41 24.76
N THR A 55 -11.74 -5.83 25.65
CA THR A 55 -11.37 -5.00 26.78
C THR A 55 -10.58 -3.77 26.34
N ILE A 56 -9.96 -3.80 25.16
CA ILE A 56 -9.24 -2.64 24.65
C ILE A 56 -10.21 -1.63 24.06
N VAL A 57 -11.16 -2.09 23.24
CA VAL A 57 -12.11 -1.17 22.63
C VAL A 57 -13.15 -0.69 23.65
N LYS A 58 -13.35 -1.43 24.74
CA LYS A 58 -14.31 -0.99 25.75
C LYS A 58 -13.78 0.19 26.55
N GLN A 59 -12.48 0.21 26.81
CA GLN A 59 -11.85 1.31 27.53
C GLN A 59 -11.28 2.34 26.55
N MET A 60 -12.19 2.95 25.80
CA MET A 60 -11.83 3.96 24.79
C MET A 60 -12.77 5.15 24.96
N ARG A 61 -12.27 6.18 25.64
CA ARG A 61 -13.00 7.44 25.90
C ARG A 61 -14.27 7.22 26.71
N ILE A 62 -14.44 6.04 27.32
CA ILE A 62 -15.61 5.73 28.14
C ILE A 62 -16.92 5.94 27.39
N LEU A 63 -16.92 5.69 26.08
CA LEU A 63 -18.11 5.86 25.26
C LEU A 63 -18.05 4.96 24.04
N THR A 205 -25.45 -4.15 11.76
CA THR A 205 -24.83 -3.07 12.52
C THR A 205 -24.43 -3.53 13.92
N GLY A 206 -23.16 -3.88 14.08
CA GLY A 206 -22.65 -4.32 15.37
C GLY A 206 -21.58 -3.41 15.93
N ILE A 207 -20.45 -3.99 16.34
CA ILE A 207 -19.33 -3.25 16.89
C ILE A 207 -18.18 -3.41 15.92
N PHE A 208 -17.99 -2.42 15.04
CA PHE A 208 -16.95 -2.48 14.02
C PHE A 208 -15.87 -1.44 14.24
N GLU A 209 -16.23 -0.16 14.35
CA GLU A 209 -15.27 0.92 14.48
C GLU A 209 -15.70 1.87 15.58
N THR A 210 -14.76 2.22 16.45
CA THR A 210 -14.98 3.20 17.51
C THR A 210 -13.92 4.29 17.40
N LYS A 211 -14.34 5.54 17.58
CA LYS A 211 -13.46 6.68 17.49
C LYS A 211 -13.36 7.38 18.84
N PHE A 212 -12.26 8.10 19.03
CA PHE A 212 -12.00 8.85 20.25
C PHE A 212 -11.03 9.98 19.93
N GLN A 213 -10.64 10.74 20.95
CA GLN A 213 -9.73 11.85 20.76
C GLN A 213 -9.05 12.16 22.08
N VAL A 214 -7.72 12.25 22.06
CA VAL A 214 -6.93 12.60 23.23
C VAL A 214 -5.90 13.64 22.81
N ASP A 215 -5.74 14.67 23.64
CA ASP A 215 -4.83 15.79 23.38
C ASP A 215 -5.13 16.44 22.02
N LYS A 216 -6.42 16.57 21.71
CA LYS A 216 -6.89 17.17 20.46
C LYS A 216 -6.40 16.38 19.24
N VAL A 217 -6.18 15.09 19.40
CA VAL A 217 -5.74 14.20 18.32
C VAL A 217 -6.76 13.08 18.22
N ASN A 218 -7.66 13.17 17.25
CA ASN A 218 -8.70 12.17 17.07
C ASN A 218 -8.12 10.95 16.35
N PHE A 219 -8.28 9.77 16.95
CA PHE A 219 -7.83 8.52 16.36
C PHE A 219 -9.01 7.77 15.76
N HIS A 220 -8.71 6.64 15.13
CA HIS A 220 -9.75 5.79 14.52
C HIS A 220 -9.33 4.34 14.71
N MET A 221 -10.04 3.63 15.60
CA MET A 221 -9.75 2.24 15.90
C MET A 221 -10.80 1.36 15.23
N PHE A 222 -10.39 0.63 14.20
CA PHE A 222 -11.28 -0.25 13.44
C PHE A 222 -11.08 -1.68 13.94
N ASP A 223 -12.11 -2.24 14.58
CA ASP A 223 -12.08 -3.63 14.99
C ASP A 223 -12.56 -4.53 13.86
N VAL A 224 -11.99 -5.72 13.78
CA VAL A 224 -12.32 -6.68 12.73
C VAL A 224 -12.84 -7.96 13.36
N GLY A 225 -13.51 -7.84 14.50
CA GLY A 225 -14.02 -9.00 15.21
C GLY A 225 -15.26 -9.62 14.62
N ALA A 226 -15.52 -9.31 13.34
CA ALA A 226 -16.66 -9.89 12.62
C ALA A 226 -16.31 -10.47 11.27
N GLN A 227 -15.17 -10.10 10.68
CA GLN A 227 -14.75 -10.68 9.41
C GLN A 227 -14.31 -12.13 9.62
N ARG A 228 -14.07 -12.83 8.52
CA ARG A 228 -13.65 -14.22 8.60
C ARG A 228 -12.18 -14.31 8.96
N ASP A 229 -11.72 -15.55 9.14
CA ASP A 229 -10.34 -15.79 9.58
C ASP A 229 -9.31 -15.41 8.52
N GLU A 230 -9.69 -15.45 7.24
CA GLU A 230 -8.75 -15.13 6.16
C GLU A 230 -8.51 -13.63 6.14
N ARG A 231 -7.28 -13.21 6.47
CA ARG A 231 -6.91 -11.81 6.53
C ARG A 231 -6.00 -11.39 5.39
N ARG A 232 -5.81 -12.24 4.37
CA ARG A 232 -4.85 -11.96 3.33
C ARG A 232 -5.31 -10.91 2.32
N LYS A 233 -6.58 -10.50 2.37
CA LYS A 233 -7.12 -9.59 1.37
C LYS A 233 -7.54 -8.24 1.94
N TRP A 234 -8.38 -8.23 2.98
CA TRP A 234 -8.87 -6.96 3.49
C TRP A 234 -7.80 -6.19 4.24
N ILE A 235 -6.82 -6.89 4.81
CA ILE A 235 -5.73 -6.20 5.51
C ILE A 235 -4.90 -5.35 4.56
N GLN A 236 -4.92 -5.68 3.26
CA GLN A 236 -4.25 -4.85 2.28
C GLN A 236 -4.87 -3.46 2.20
N CYS A 237 -6.11 -3.30 2.68
CA CYS A 237 -6.73 -1.98 2.74
C CYS A 237 -6.08 -1.11 3.81
N PHE A 238 -5.39 -1.71 4.77
CA PHE A 238 -4.76 -0.94 5.86
C PHE A 238 -3.31 -0.61 5.55
N ASN A 239 -3.06 0.01 4.40
CA ASN A 239 -1.74 0.53 4.08
C ASN A 239 -1.63 2.03 4.27
N ASP A 240 -2.76 2.73 4.38
CA ASP A 240 -2.77 4.13 4.75
C ASP A 240 -2.92 4.33 6.25
N VAL A 241 -3.19 3.26 7.00
CA VAL A 241 -3.29 3.37 8.45
C VAL A 241 -1.92 3.69 9.04
N THR A 242 -1.92 4.36 10.19
CA THR A 242 -0.67 4.78 10.82
C THR A 242 -0.08 3.71 11.71
N ALA A 243 -0.89 2.79 12.24
CA ALA A 243 -0.39 1.76 13.13
C ALA A 243 -1.37 0.60 13.15
N ILE A 244 -0.84 -0.62 13.26
CA ILE A 244 -1.63 -1.83 13.37
C ILE A 244 -1.53 -2.29 14.82
N ILE A 245 -2.53 -1.95 15.62
CA ILE A 245 -2.53 -2.35 17.03
C ILE A 245 -2.82 -3.85 17.10
N PHE A 246 -1.80 -4.63 17.43
CA PHE A 246 -1.93 -6.08 17.53
C PHE A 246 -2.17 -6.43 19.00
N VAL A 247 -3.43 -6.65 19.35
CA VAL A 247 -3.81 -7.05 20.71
C VAL A 247 -3.62 -8.56 20.79
N VAL A 248 -2.53 -9.00 21.41
CA VAL A 248 -2.17 -10.41 21.52
C VAL A 248 -2.31 -10.84 22.96
N ALA A 249 -3.00 -11.95 23.19
CA ALA A 249 -3.15 -12.52 24.52
C ALA A 249 -1.96 -13.41 24.82
N SER A 250 -1.09 -12.97 25.72
CA SER A 250 0.10 -13.73 26.06
C SER A 250 -0.21 -14.95 26.93
N SER A 251 -1.46 -15.14 27.34
CA SER A 251 -1.86 -16.27 28.16
C SER A 251 -2.80 -17.23 27.45
N SER A 252 -3.19 -16.92 26.21
CA SER A 252 -4.10 -17.78 25.46
C SER A 252 -3.40 -18.94 24.76
N TYR A 253 -2.13 -19.19 25.08
CA TYR A 253 -1.40 -20.29 24.45
C TYR A 253 -1.89 -21.65 24.92
N ASN A 254 -2.57 -21.72 26.07
CA ASN A 254 -3.09 -22.99 26.55
C ASN A 254 -4.35 -23.42 25.78
N MET A 255 -5.21 -22.46 25.44
CA MET A 255 -6.42 -22.76 24.70
C MET A 255 -6.95 -21.51 23.99
N THR A 263 -4.45 -25.25 22.04
CA THR A 263 -4.75 -24.51 20.82
C THR A 263 -3.51 -23.79 20.32
N ASN A 264 -2.65 -23.36 21.25
CA ASN A 264 -1.42 -22.66 20.95
C ASN A 264 -1.70 -21.41 20.10
N ARG A 265 -2.61 -20.58 20.60
CA ARG A 265 -2.95 -19.35 19.89
C ARG A 265 -1.81 -18.35 19.88
N LEU A 266 -0.83 -18.49 20.78
CA LEU A 266 0.32 -17.60 20.77
C LEU A 266 1.15 -17.78 19.50
N GLN A 267 1.32 -19.03 19.05
CA GLN A 267 2.04 -19.26 17.80
C GLN A 267 1.26 -18.74 16.59
N GLU A 268 -0.07 -18.84 16.63
CA GLU A 268 -0.88 -18.28 15.56
C GLU A 268 -0.75 -16.76 15.52
N ALA A 269 -0.70 -16.12 16.70
CA ALA A 269 -0.47 -14.68 16.74
C ALA A 269 0.92 -14.32 16.23
N LEU A 270 1.91 -15.15 16.56
CA LEU A 270 3.26 -14.94 16.04
C LEU A 270 3.29 -15.00 14.52
N ASN A 271 2.60 -16.01 13.96
CA ASN A 271 2.55 -16.15 12.50
C ASN A 271 1.81 -14.99 11.86
N LEU A 272 0.73 -14.52 12.50
CA LEU A 272 0.00 -13.37 11.97
C LEU A 272 0.87 -12.12 11.99
N PHE A 273 1.64 -11.93 13.07
CA PHE A 273 2.54 -10.79 13.14
C PHE A 273 3.64 -10.89 12.08
N LYS A 274 4.14 -12.10 11.85
CA LYS A 274 5.15 -12.27 10.80
C LYS A 274 4.59 -11.94 9.43
N SER A 275 3.36 -12.39 9.15
CA SER A 275 2.75 -12.09 7.86
C SER A 275 2.46 -10.60 7.71
N ILE A 276 2.07 -9.94 8.79
CA ILE A 276 1.85 -8.49 8.74
C ILE A 276 3.17 -7.77 8.51
N TRP A 277 4.25 -8.26 9.13
CA TRP A 277 5.55 -7.61 8.98
C TRP A 277 6.09 -7.76 7.57
N ASN A 278 6.14 -8.98 7.06
CA ASN A 278 6.67 -9.25 5.73
C ASN A 278 5.67 -8.93 4.62
N ASN A 279 4.60 -8.22 4.91
CA ASN A 279 3.63 -7.88 3.88
C ASN A 279 4.16 -6.78 2.97
N ARG A 280 3.88 -6.92 1.67
CA ARG A 280 4.34 -5.94 0.71
C ARG A 280 3.66 -4.58 0.88
N TRP A 281 2.47 -4.55 1.48
CA TRP A 281 1.74 -3.30 1.69
C TRP A 281 1.78 -2.82 3.12
N LEU A 282 1.91 -3.73 4.09
CA LEU A 282 2.10 -3.37 5.48
C LEU A 282 3.57 -3.23 5.85
N ARG A 283 4.47 -3.19 4.86
CA ARG A 283 5.88 -3.05 5.14
C ARG A 283 6.24 -1.66 5.65
N THR A 284 5.39 -0.66 5.41
CA THR A 284 5.62 0.70 5.86
C THR A 284 4.70 1.08 7.02
N ILE A 285 4.09 0.10 7.67
CA ILE A 285 3.12 0.34 8.73
C ILE A 285 3.65 -0.30 10.01
N SER A 286 3.77 0.51 11.06
CA SER A 286 4.22 0.00 12.35
C SER A 286 3.14 -0.87 12.99
N VAL A 287 3.57 -1.69 13.94
CA VAL A 287 2.69 -2.61 14.65
C VAL A 287 2.79 -2.30 16.14
N ILE A 288 1.69 -1.85 16.72
CA ILE A 288 1.62 -1.59 18.17
C ILE A 288 1.28 -2.92 18.82
N LEU A 289 2.32 -3.65 19.24
CA LEU A 289 2.13 -4.93 19.88
C LEU A 289 1.54 -4.74 21.28
N PHE A 290 0.39 -5.36 21.52
CA PHE A 290 -0.29 -5.28 22.82
C PHE A 290 -0.34 -6.69 23.41
N LEU A 291 0.55 -6.95 24.38
CA LEU A 291 0.57 -8.24 25.07
C LEU A 291 -0.55 -8.25 26.11
N ASN A 292 -1.77 -8.42 25.60
CA ASN A 292 -2.96 -8.38 26.44
C ASN A 292 -3.03 -9.60 27.36
N LYS A 293 -3.93 -9.54 28.33
CA LYS A 293 -4.17 -10.62 29.29
C LYS A 293 -2.89 -10.97 30.05
N GLN A 294 -2.38 -9.97 30.78
CA GLN A 294 -1.18 -10.16 31.59
C GLN A 294 -1.50 -10.72 32.97
N ASP A 295 -2.66 -10.38 33.54
CA ASP A 295 -3.02 -10.91 34.85
C ASP A 295 -3.29 -12.41 34.78
N LEU A 296 -3.87 -12.88 33.68
CA LEU A 296 -4.12 -14.31 33.49
C LEU A 296 -2.87 -15.07 33.08
N LEU A 297 -1.75 -14.38 32.85
CA LEU A 297 -0.50 -15.04 32.49
C LEU A 297 0.38 -15.29 33.70
N ALA A 298 0.37 -14.38 34.68
CA ALA A 298 1.21 -14.53 35.86
C ALA A 298 0.84 -15.78 36.65
N GLU A 299 -0.45 -15.92 36.99
CA GLU A 299 -0.88 -17.11 37.72
C GLU A 299 -0.69 -18.37 36.90
N LYS A 300 -0.79 -18.27 35.57
CA LYS A 300 -0.60 -19.44 34.72
C LYS A 300 0.85 -19.91 34.77
N VAL A 301 1.81 -18.99 34.65
CA VAL A 301 3.21 -19.39 34.68
C VAL A 301 3.69 -19.70 36.09
N LEU A 302 2.98 -19.23 37.12
CA LEU A 302 3.39 -19.51 38.49
C LEU A 302 2.84 -20.85 39.00
N ALA A 303 1.53 -21.04 38.90
CA ALA A 303 0.90 -22.26 39.40
C ALA A 303 1.14 -23.46 38.50
N GLY A 304 1.84 -23.31 37.38
CA GLY A 304 2.11 -24.41 36.48
C GLY A 304 0.94 -24.85 35.63
N LYS A 305 -0.17 -24.12 35.66
CA LYS A 305 -1.31 -24.48 34.82
C LYS A 305 -1.01 -24.29 33.35
N SER A 306 -0.24 -23.27 32.99
CA SER A 306 0.14 -23.01 31.61
C SER A 306 1.56 -22.51 31.59
N LYS A 307 2.43 -23.22 30.87
CA LYS A 307 3.85 -22.90 30.82
C LYS A 307 4.27 -22.60 29.39
N ILE A 308 5.19 -21.63 29.24
CA ILE A 308 5.66 -21.24 27.92
C ILE A 308 6.45 -22.35 27.26
N GLU A 309 7.20 -23.12 28.05
CA GLU A 309 8.11 -24.11 27.48
C GLU A 309 7.38 -25.23 26.75
N ASP A 310 6.07 -25.39 26.97
CA ASP A 310 5.32 -26.40 26.22
C ASP A 310 5.22 -26.04 24.74
N TYR A 311 5.20 -24.74 24.42
CA TYR A 311 5.11 -24.29 23.03
C TYR A 311 6.32 -23.44 22.63
N PHE A 312 7.39 -23.44 23.40
CA PHE A 312 8.59 -22.67 23.07
C PHE A 312 9.82 -23.32 23.68
N PRO A 313 10.77 -23.80 22.87
CA PRO A 313 11.97 -24.42 23.42
C PRO A 313 13.03 -23.39 23.79
N GLU A 314 12.97 -22.22 23.16
CA GLU A 314 13.95 -21.18 23.43
C GLU A 314 13.77 -20.55 24.81
N PHE A 315 12.60 -20.72 25.43
CA PHE A 315 12.37 -20.14 26.75
C PHE A 315 13.31 -20.72 27.80
N ALA A 316 13.74 -21.97 27.61
CA ALA A 316 14.73 -22.55 28.52
C ALA A 316 16.11 -21.94 28.31
N ARG A 317 16.39 -21.43 27.11
CA ARG A 317 17.67 -20.80 26.79
C ARG A 317 17.54 -19.28 26.70
N TYR A 318 16.70 -18.69 27.55
CA TYR A 318 16.45 -17.26 27.55
C TYR A 318 16.52 -16.72 28.97
N THR A 319 17.00 -15.48 29.09
CA THR A 319 17.09 -14.81 30.39
C THR A 319 16.53 -13.40 30.26
N THR A 320 16.14 -12.84 31.40
CA THR A 320 15.56 -11.51 31.41
C THR A 320 16.63 -10.46 31.05
N PRO A 321 16.37 -9.59 30.08
CA PRO A 321 17.37 -8.57 29.71
C PRO A 321 17.52 -7.50 30.78
N GLU A 322 18.37 -6.51 30.51
CA GLU A 322 18.64 -5.44 31.47
C GLU A 322 17.58 -4.35 31.47
N ASP A 323 16.58 -4.43 30.59
CA ASP A 323 15.51 -3.43 30.52
C ASP A 323 14.22 -3.92 31.12
N ALA A 324 14.30 -4.73 32.19
CA ALA A 324 13.11 -5.24 32.84
C ALA A 324 12.37 -4.12 33.56
N THR A 325 11.05 -4.30 33.72
CA THR A 325 10.18 -3.35 34.39
C THR A 325 9.45 -4.08 35.51
N PRO A 326 10.07 -4.21 36.68
CA PRO A 326 9.41 -4.89 37.79
C PRO A 326 8.31 -4.04 38.41
N GLU A 327 7.32 -4.72 38.97
CA GLU A 327 6.20 -4.08 39.65
C GLU A 327 5.95 -4.76 40.98
N PRO A 328 5.42 -4.04 41.96
CA PRO A 328 5.12 -4.66 43.26
C PRO A 328 4.10 -5.78 43.12
N GLY A 329 4.41 -6.92 43.73
CA GLY A 329 3.55 -8.08 43.65
C GLY A 329 3.76 -8.97 42.45
N GLU A 330 4.87 -8.79 41.73
CA GLU A 330 5.17 -9.58 40.55
C GLU A 330 6.38 -10.47 40.80
N ASP A 331 6.39 -11.63 40.17
CA ASP A 331 7.44 -12.63 40.26
C ASP A 331 8.44 -12.46 39.12
N PRO A 332 9.73 -12.65 39.37
CA PRO A 332 10.71 -12.55 38.29
C PRO A 332 10.47 -13.51 37.14
N ARG A 333 9.88 -14.67 37.41
CA ARG A 333 9.57 -15.62 36.34
C ARG A 333 8.49 -15.07 35.42
N VAL A 334 7.51 -14.36 35.99
CA VAL A 334 6.45 -13.75 35.18
C VAL A 334 7.05 -12.72 34.22
N THR A 335 7.92 -11.85 34.74
CA THR A 335 8.57 -10.86 33.89
C THR A 335 9.47 -11.52 32.86
N ARG A 336 10.13 -12.62 33.24
CA ARG A 336 10.97 -13.35 32.30
C ARG A 336 10.16 -13.89 31.14
N ALA A 337 9.02 -14.53 31.44
CA ALA A 337 8.16 -15.04 30.37
C ALA A 337 7.58 -13.92 29.52
N LYS A 338 7.18 -12.81 30.16
CA LYS A 338 6.64 -11.69 29.41
C LYS A 338 7.67 -11.13 28.43
N TYR A 339 8.89 -10.92 28.91
CA TYR A 339 9.94 -10.41 28.04
C TYR A 339 10.36 -11.43 26.98
N PHE A 340 10.27 -12.73 27.29
CA PHE A 340 10.55 -13.74 26.27
C PHE A 340 9.53 -13.66 25.15
N ILE A 341 8.25 -13.53 25.50
CA ILE A 341 7.22 -13.37 24.47
C ILE A 341 7.45 -12.08 23.69
N ARG A 342 7.85 -11.01 24.39
CA ARG A 342 8.11 -9.73 23.73
C ARG A 342 9.24 -9.86 22.72
N ASP A 343 10.35 -10.52 23.09
CA ASP A 343 11.47 -10.68 22.18
C ASP A 343 11.17 -11.66 21.06
N GLU A 344 10.32 -12.67 21.32
CA GLU A 344 9.88 -13.54 20.23
C GLU A 344 9.05 -12.76 19.22
N PHE A 345 8.24 -11.83 19.70
CA PHE A 345 7.57 -10.90 18.79
C PHE A 345 8.57 -9.94 18.16
N LEU A 346 9.61 -9.56 18.91
CA LEU A 346 10.62 -8.65 18.40
C LEU A 346 11.63 -9.35 17.51
N ARG A 347 11.73 -10.68 17.58
CA ARG A 347 12.67 -11.40 16.73
C ARG A 347 12.27 -11.32 15.27
N ILE A 348 10.97 -11.18 14.99
CA ILE A 348 10.52 -11.00 13.62
C ILE A 348 10.62 -9.54 13.20
N SER A 349 10.57 -8.60 14.15
CA SER A 349 10.65 -7.19 13.84
C SER A 349 12.03 -6.78 13.33
N THR A 350 13.06 -7.55 13.64
CA THR A 350 14.42 -7.27 13.19
C THR A 350 14.89 -8.20 12.09
N ALA A 351 14.03 -9.14 11.65
CA ALA A 351 14.41 -10.03 10.56
C ALA A 351 14.55 -9.27 9.25
N SER A 352 13.56 -8.43 8.93
CA SER A 352 13.63 -7.61 7.72
C SER A 352 14.50 -6.38 7.95
N GLY A 353 14.11 -5.54 8.91
CA GLY A 353 14.88 -4.35 9.23
C GLY A 353 14.98 -3.37 8.10
N ASP A 354 13.86 -3.07 7.44
CA ASP A 354 13.84 -2.13 6.33
C ASP A 354 13.79 -0.69 6.78
N GLY A 355 13.61 -0.43 8.08
CA GLY A 355 13.56 0.92 8.60
C GLY A 355 12.27 1.67 8.37
N ARG A 356 11.40 1.19 7.48
CA ARG A 356 10.16 1.89 7.20
C ARG A 356 9.13 1.71 8.31
N HIS A 357 9.28 0.70 9.15
CA HIS A 357 8.32 0.46 10.23
C HIS A 357 9.02 -0.31 11.35
N TYR A 358 8.58 -0.07 12.57
CA TYR A 358 9.14 -0.70 13.76
C TYR A 358 8.01 -1.20 14.65
N CYS A 359 8.35 -2.14 15.52
CA CYS A 359 7.40 -2.71 16.47
C CYS A 359 7.44 -1.96 17.79
N TYR A 360 6.34 -2.05 18.52
CA TYR A 360 6.18 -1.35 19.81
C TYR A 360 5.45 -2.26 20.77
N PRO A 361 6.17 -3.00 21.61
CA PRO A 361 5.51 -3.90 22.57
C PRO A 361 4.97 -3.14 23.78
N HIS A 362 3.87 -3.66 24.31
CA HIS A 362 3.25 -3.09 25.49
C HIS A 362 2.53 -4.19 26.25
N PHE A 363 2.38 -3.98 27.56
CA PHE A 363 1.73 -4.94 28.45
C PHE A 363 0.53 -4.27 29.07
N THR A 364 -0.67 -4.67 28.64
CA THR A 364 -1.92 -4.08 29.10
C THR A 364 -2.81 -5.17 29.70
N CYS A 365 -4.05 -4.80 30.02
CA CYS A 365 -5.11 -5.64 30.57
C CYS A 365 -4.82 -6.07 32.00
N SER A 366 -3.69 -5.70 32.58
CA SER A 366 -3.45 -6.01 33.99
C SER A 366 -4.40 -5.24 34.89
N VAL A 367 -4.61 -3.96 34.59
CA VAL A 367 -5.57 -3.12 35.29
C VAL A 367 -6.49 -2.48 34.26
N ASP A 368 -7.51 -1.79 34.76
CA ASP A 368 -8.48 -1.11 33.92
C ASP A 368 -8.21 0.39 33.82
N THR A 369 -6.94 0.78 33.82
CA THR A 369 -6.55 2.18 33.74
C THR A 369 -6.70 2.67 32.29
N GLU A 370 -6.29 3.91 32.04
CA GLU A 370 -6.40 4.52 30.72
C GLU A 370 -5.37 3.90 29.79
N ASN A 371 -5.81 2.96 28.94
CA ASN A 371 -4.91 2.37 27.96
C ASN A 371 -4.72 3.24 26.73
N ILE A 372 -5.50 4.32 26.58
CA ILE A 372 -5.37 5.20 25.44
C ILE A 372 -4.09 6.02 25.50
N ARG A 373 -3.52 6.23 26.69
CA ARG A 373 -2.26 6.96 26.79
C ARG A 373 -1.12 6.15 26.19
N ARG A 374 -1.09 4.84 26.43
CA ARG A 374 -0.08 3.97 25.85
C ARG A 374 -0.23 3.85 24.33
N VAL A 375 -1.36 4.25 23.77
CA VAL A 375 -1.53 4.28 22.32
C VAL A 375 -1.17 5.65 21.76
N PHE A 376 -1.52 6.72 22.48
CA PHE A 376 -1.20 8.07 22.02
C PHE A 376 0.30 8.31 22.03
N ASN A 377 0.94 8.04 23.19
CA ASN A 377 2.39 8.22 23.27
C ASN A 377 3.15 7.24 22.38
N ASP A 378 2.48 6.17 21.93
CA ASP A 378 3.11 5.24 21.00
C ASP A 378 3.02 5.75 19.57
N CYS A 379 1.82 6.18 19.15
CA CYS A 379 1.65 6.74 17.81
C CYS A 379 2.45 8.02 17.65
N ARG A 380 2.70 8.75 18.74
CA ARG A 380 3.58 9.91 18.67
C ARG A 380 4.96 9.50 18.15
N ASP A 381 5.61 8.56 18.82
CA ASP A 381 6.91 8.08 18.37
C ASP A 381 6.82 7.39 17.01
N ILE A 382 5.66 6.80 16.70
CA ILE A 382 5.46 6.19 15.39
C ILE A 382 5.61 7.22 14.29
N ILE A 383 4.85 8.32 14.39
CA ILE A 383 4.96 9.38 13.38
C ILE A 383 6.31 10.06 13.45
N GLN A 384 6.91 10.14 14.64
CA GLN A 384 8.27 10.67 14.77
C GLN A 384 9.24 9.89 13.89
N ARG A 385 9.29 8.57 14.08
CA ARG A 385 10.22 7.74 13.31
C ARG A 385 9.82 7.67 11.84
N MET A 386 8.53 7.79 11.53
CA MET A 386 8.11 7.84 10.14
C MET A 386 8.66 9.07 9.44
N HIS A 387 8.52 10.24 10.07
CA HIS A 387 9.08 11.46 9.49
C HIS A 387 10.60 11.43 9.49
N LEU A 388 11.21 10.76 10.46
CA LEU A 388 12.67 10.64 10.49
C LEU A 388 13.16 9.81 9.31
N ARG A 389 12.54 8.65 9.07
CA ARG A 389 12.89 7.85 7.91
C ARG A 389 12.56 8.56 6.60
N GLN A 390 11.51 9.41 6.61
CA GLN A 390 11.18 10.18 5.42
C GLN A 390 12.24 11.22 5.13
N TYR A 391 12.74 11.90 6.17
CA TYR A 391 13.78 12.91 6.01
C TYR A 391 15.18 12.33 6.10
N GLU A 392 15.30 11.02 6.35
CA GLU A 392 16.57 10.31 6.45
C GLU A 392 17.38 10.73 7.68
N LEU A 393 16.73 11.32 8.68
CA LEU A 393 17.38 11.62 9.95
C LEU A 393 17.24 10.51 10.97
N LEU A 394 17.09 9.26 10.50
CA LEU A 394 17.00 8.12 11.40
C LEU A 394 18.07 7.08 11.07
N GLY B 17 -21.00 -45.89 6.48
CA GLY B 17 -19.67 -46.43 6.62
C GLY B 17 -18.71 -45.95 5.55
N SER B 18 -17.71 -45.15 5.98
CA SER B 18 -16.70 -44.59 5.09
C SER B 18 -17.34 -43.76 3.98
N GLU B 19 -18.02 -42.69 4.39
CA GLU B 19 -18.70 -41.79 3.46
C GLU B 19 -17.83 -40.61 3.06
N LEU B 20 -17.08 -40.05 4.01
CA LEU B 20 -16.27 -38.87 3.72
C LEU B 20 -15.16 -39.19 2.73
N ASP B 21 -14.43 -40.29 2.96
CA ASP B 21 -13.33 -40.65 2.07
C ASP B 21 -13.85 -41.03 0.67
N GLN B 22 -14.94 -41.79 0.61
CA GLN B 22 -15.49 -42.15 -0.69
C GLN B 22 -16.05 -40.93 -1.43
N LEU B 23 -16.59 -39.95 -0.69
CA LEU B 23 -17.08 -38.75 -1.34
C LEU B 23 -15.92 -37.89 -1.86
N ARG B 24 -14.84 -37.81 -1.09
CA ARG B 24 -13.65 -37.10 -1.57
C ARG B 24 -13.07 -37.79 -2.80
N GLN B 25 -13.07 -39.13 -2.81
CA GLN B 25 -12.57 -39.86 -3.97
C GLN B 25 -13.45 -39.63 -5.19
N GLU B 26 -14.77 -39.61 -4.99
CA GLU B 26 -15.68 -39.34 -6.10
C GLU B 26 -15.49 -37.92 -6.63
N ALA B 27 -15.27 -36.96 -5.72
CA ALA B 27 -15.02 -35.59 -6.15
C ALA B 27 -13.73 -35.48 -6.95
N GLU B 28 -12.68 -36.19 -6.50
CA GLU B 28 -11.41 -36.18 -7.22
C GLU B 28 -11.56 -36.84 -8.59
N GLN B 29 -12.33 -37.93 -8.67
CA GLN B 29 -12.56 -38.59 -9.95
C GLN B 29 -13.34 -37.69 -10.89
N LEU B 30 -14.33 -36.98 -10.38
CA LEU B 30 -15.09 -36.05 -11.23
C LEU B 30 -14.23 -34.87 -11.66
N LYS B 31 -13.33 -34.41 -10.80
CA LYS B 31 -12.41 -33.35 -11.20
C LYS B 31 -11.46 -33.83 -12.29
N ASN B 32 -10.97 -35.06 -12.18
CA ASN B 32 -10.14 -35.62 -13.25
C ASN B 32 -10.93 -35.80 -14.53
N GLN B 33 -12.22 -36.14 -14.42
CA GLN B 33 -13.08 -36.23 -15.60
C GLN B 33 -13.21 -34.86 -16.28
N ILE B 34 -13.45 -33.82 -15.48
CA ILE B 34 -13.51 -32.47 -16.04
C ILE B 34 -12.18 -32.11 -16.71
N ARG B 35 -11.07 -32.48 -16.06
CA ARG B 35 -9.75 -32.13 -16.58
C ARG B 35 -9.50 -32.80 -17.94
N ASP B 36 -9.68 -34.12 -18.02
CA ASP B 36 -9.40 -34.78 -19.28
C ASP B 36 -10.49 -34.56 -20.33
N ALA B 37 -11.68 -34.09 -19.92
CA ALA B 37 -12.66 -33.64 -20.90
C ALA B 37 -12.27 -32.28 -21.50
N ARG B 38 -11.73 -31.39 -20.67
CA ARG B 38 -11.16 -30.15 -21.20
C ARG B 38 -9.98 -30.45 -22.11
N LYS B 39 -9.16 -31.43 -21.74
CA LYS B 39 -8.04 -31.82 -22.58
C LYS B 39 -8.51 -32.46 -23.88
N ALA B 40 -9.65 -33.17 -23.85
CA ALA B 40 -10.18 -33.76 -25.07
C ALA B 40 -10.59 -32.69 -26.08
N CYS B 41 -11.10 -31.55 -25.60
CA CYS B 41 -11.42 -30.43 -26.47
C CYS B 41 -10.27 -29.43 -26.60
N ALA B 42 -9.10 -29.79 -26.08
CA ALA B 42 -7.90 -28.94 -26.15
C ALA B 42 -6.96 -29.41 -27.26
N ASP B 43 -7.51 -29.89 -28.37
CA ASP B 43 -6.69 -30.35 -29.49
C ASP B 43 -5.87 -29.24 -30.13
N ALA B 44 -6.06 -27.99 -29.72
CA ALA B 44 -5.30 -26.87 -30.25
C ALA B 44 -5.15 -25.83 -29.14
N THR B 45 -4.76 -24.62 -29.52
CA THR B 45 -4.62 -23.52 -28.58
C THR B 45 -4.72 -22.20 -29.34
N LEU B 46 -4.85 -21.11 -28.58
CA LEU B 46 -4.99 -19.80 -29.22
C LEU B 46 -3.70 -19.36 -29.89
N SER B 47 -2.57 -19.93 -29.47
CA SER B 47 -1.29 -19.60 -30.09
C SER B 47 -1.09 -20.28 -31.44
N GLN B 48 -1.98 -21.20 -31.82
CA GLN B 48 -1.87 -21.85 -33.12
C GLN B 48 -2.30 -20.95 -34.27
N ILE B 49 -2.85 -19.77 -33.98
CA ILE B 49 -3.21 -18.80 -35.00
C ILE B 49 -2.34 -17.55 -34.91
N THR B 50 -1.16 -17.65 -34.29
CA THR B 50 -0.28 -16.50 -34.13
C THR B 50 0.24 -15.98 -35.47
N ASN B 51 0.24 -16.81 -36.51
CA ASN B 51 0.69 -16.39 -37.82
C ASN B 51 -0.40 -15.74 -38.65
N ASN B 52 -1.66 -15.78 -38.20
CA ASN B 52 -2.77 -15.21 -38.95
C ASN B 52 -3.07 -13.77 -38.53
N ILE B 53 -3.07 -13.49 -37.22
CA ILE B 53 -3.39 -12.17 -36.69
C ILE B 53 -2.10 -11.40 -36.45
N ASP B 54 -2.10 -10.11 -36.83
CA ASP B 54 -0.93 -9.24 -36.67
C ASP B 54 -0.96 -8.57 -35.29
N PRO B 55 0.21 -8.31 -34.71
CA PRO B 55 0.24 -7.66 -33.39
C PRO B 55 -0.12 -6.19 -33.46
N VAL B 56 -0.15 -5.53 -32.30
CA VAL B 56 -0.47 -4.12 -32.22
C VAL B 56 0.78 -3.25 -32.13
N GLY B 57 1.78 -3.71 -31.38
CA GLY B 57 3.03 -2.98 -31.23
C GLY B 57 3.09 -2.22 -29.92
N ARG B 58 4.22 -1.53 -29.75
CA ARG B 58 4.47 -0.74 -28.54
C ARG B 58 3.73 0.59 -28.68
N ILE B 59 2.46 0.57 -28.31
CA ILE B 59 1.62 1.77 -28.38
C ILE B 59 1.83 2.56 -27.10
N GLN B 60 2.27 3.81 -27.24
CA GLN B 60 2.53 4.67 -26.10
C GLN B 60 1.25 5.38 -25.70
N MET B 61 0.74 5.06 -24.51
CA MET B 61 -0.46 5.68 -23.98
C MET B 61 -0.05 6.77 -22.99
N ARG B 62 -0.49 8.00 -23.25
CA ARG B 62 -0.19 9.14 -22.40
C ARG B 62 -1.40 9.51 -21.56
N THR B 63 -1.12 10.00 -20.35
CA THR B 63 -2.19 10.40 -19.43
C THR B 63 -2.87 11.65 -19.96
N ARG B 64 -4.13 11.51 -20.36
CA ARG B 64 -4.89 12.67 -20.84
C ARG B 64 -5.42 13.50 -19.69
N ARG B 65 -6.16 12.89 -18.78
CA ARG B 65 -6.71 13.55 -17.61
C ARG B 65 -6.21 12.88 -16.35
N THR B 66 -6.05 13.66 -15.29
CA THR B 66 -5.59 13.17 -13.99
C THR B 66 -6.48 13.74 -12.91
N LEU B 67 -7.24 12.86 -12.25
CA LEU B 67 -8.19 13.26 -11.21
C LEU B 67 -7.45 13.33 -9.88
N ARG B 68 -6.82 14.47 -9.64
CA ARG B 68 -6.01 14.69 -8.45
C ARG B 68 -6.80 15.42 -7.36
N GLY B 69 -7.84 14.74 -6.87
CA GLY B 69 -8.66 15.30 -5.82
C GLY B 69 -8.93 14.33 -4.69
N HIS B 70 -8.58 13.07 -4.89
CA HIS B 70 -8.79 12.05 -3.86
C HIS B 70 -7.85 12.27 -2.68
N LEU B 71 -8.29 11.86 -1.50
CA LEU B 71 -7.52 12.03 -0.28
C LEU B 71 -6.81 10.74 0.11
N ALA B 72 -7.55 9.66 0.30
CA ALA B 72 -6.97 8.36 0.64
C ALA B 72 -6.68 7.60 -0.65
N LYS B 73 -6.31 6.32 -0.52
CA LYS B 73 -6.00 5.53 -1.70
C LYS B 73 -7.27 5.14 -2.44
N ILE B 74 -7.28 5.36 -3.75
CA ILE B 74 -8.42 5.02 -4.59
C ILE B 74 -8.46 3.50 -4.73
N TYR B 75 -9.45 2.86 -4.10
CA TYR B 75 -9.45 1.40 -4.07
C TYR B 75 -10.27 0.78 -5.19
N ALA B 76 -11.44 1.35 -5.51
CA ALA B 76 -12.32 0.76 -6.51
C ALA B 76 -12.91 1.86 -7.39
N MET B 77 -13.16 1.51 -8.65
CA MET B 77 -13.76 2.42 -9.60
C MET B 77 -14.65 1.64 -10.56
N HIS B 78 -15.52 2.37 -11.26
CA HIS B 78 -16.40 1.76 -12.25
C HIS B 78 -16.93 2.85 -13.16
N TRP B 79 -16.86 2.62 -14.47
CA TRP B 79 -17.38 3.57 -15.44
C TRP B 79 -18.88 3.38 -15.64
N GLY B 80 -19.47 4.27 -16.44
CA GLY B 80 -20.87 4.21 -16.77
C GLY B 80 -21.10 3.94 -18.24
N THR B 81 -22.38 3.77 -18.59
CA THR B 81 -22.75 3.53 -19.98
C THR B 81 -22.45 4.76 -20.85
N ASP B 82 -22.66 5.96 -20.30
CA ASP B 82 -22.37 7.19 -21.05
C ASP B 82 -20.89 7.43 -21.26
N SER B 83 -20.02 6.64 -20.61
CA SER B 83 -18.56 6.77 -20.74
C SER B 83 -18.09 8.18 -20.41
N ARG B 84 -18.82 8.89 -19.55
CA ARG B 84 -18.47 10.24 -19.16
C ARG B 84 -18.18 10.35 -17.66
N LEU B 85 -19.08 9.86 -16.82
CA LEU B 85 -18.90 9.94 -15.37
C LEU B 85 -18.28 8.65 -14.85
N LEU B 86 -17.38 8.80 -13.88
CA LEU B 86 -16.71 7.66 -13.28
C LEU B 86 -16.70 7.79 -11.76
N VAL B 87 -16.95 6.69 -11.07
CA VAL B 87 -16.98 6.67 -9.62
C VAL B 87 -15.64 6.16 -9.10
N SER B 88 -15.28 6.58 -7.89
CA SER B 88 -14.04 6.12 -7.27
C SER B 88 -14.11 6.36 -5.77
N ALA B 89 -13.87 5.32 -4.98
CA ALA B 89 -13.95 5.39 -3.53
C ALA B 89 -12.56 5.31 -2.92
N SER B 90 -12.42 5.92 -1.73
CA SER B 90 -11.17 5.89 -0.98
C SER B 90 -11.46 5.51 0.46
N GLN B 91 -10.39 5.20 1.19
CA GLN B 91 -10.52 4.74 2.57
C GLN B 91 -10.83 5.86 3.56
N ASP B 92 -10.83 7.11 3.12
CA ASP B 92 -11.16 8.23 3.99
C ASP B 92 -12.66 8.43 4.17
N GLY B 93 -13.47 7.44 3.78
CA GLY B 93 -14.92 7.58 3.84
C GLY B 93 -15.52 8.38 2.70
N LYS B 94 -14.75 8.66 1.66
CA LYS B 94 -15.21 9.47 0.54
C LYS B 94 -15.39 8.62 -0.71
N LEU B 95 -16.37 9.00 -1.53
CA LEU B 95 -16.60 8.38 -2.82
C LEU B 95 -16.93 9.49 -3.81
N ILE B 96 -16.01 9.78 -4.71
CA ILE B 96 -16.13 10.90 -5.63
C ILE B 96 -16.51 10.38 -7.00
N ILE B 97 -17.44 11.10 -7.65
CA ILE B 97 -17.91 10.80 -9.00
C ILE B 97 -17.48 11.96 -9.88
N TRP B 98 -16.53 11.71 -10.76
CA TRP B 98 -15.92 12.72 -11.61
C TRP B 98 -16.52 12.70 -13.01
N ASP B 99 -16.43 13.83 -13.69
CA ASP B 99 -16.71 13.93 -15.12
C ASP B 99 -15.36 13.89 -15.84
N SER B 100 -15.07 12.75 -16.46
CA SER B 100 -13.75 12.55 -17.07
C SER B 100 -13.50 13.48 -18.24
N TYR B 101 -14.54 14.10 -18.80
CA TYR B 101 -14.35 14.95 -19.96
C TYR B 101 -13.74 16.30 -19.56
N THR B 102 -14.18 16.86 -18.43
CA THR B 102 -13.70 18.17 -17.99
C THR B 102 -12.93 18.11 -16.68
N THR B 103 -12.69 16.93 -16.12
CA THR B 103 -12.01 16.76 -14.83
C THR B 103 -12.70 17.60 -13.76
N ASN B 104 -13.95 17.24 -13.48
CA ASN B 104 -14.78 17.96 -12.52
C ASN B 104 -15.47 16.95 -11.62
N LYS B 105 -15.32 17.13 -10.31
CA LYS B 105 -15.98 16.25 -9.35
C LYS B 105 -17.46 16.55 -9.30
N VAL B 106 -18.25 15.79 -10.06
CA VAL B 106 -19.68 16.04 -10.13
C VAL B 106 -20.35 15.72 -8.79
N HIS B 107 -19.91 14.65 -8.14
CA HIS B 107 -20.50 14.25 -6.85
C HIS B 107 -19.39 13.86 -5.88
N ALA B 108 -19.70 13.98 -4.59
CA ALA B 108 -18.78 13.57 -3.54
C ALA B 108 -19.62 13.12 -2.35
N ILE B 109 -19.79 11.82 -2.21
CA ILE B 109 -20.62 11.22 -1.15
C ILE B 109 -19.69 10.82 0.00
N PRO B 110 -19.87 11.37 1.20
CA PRO B 110 -19.13 10.89 2.37
C PRO B 110 -19.76 9.60 2.89
N LEU B 111 -19.05 8.49 2.67
CA LEU B 111 -19.59 7.19 3.04
C LEU B 111 -19.61 7.02 4.56
N ARG B 112 -20.62 6.30 5.04
CA ARG B 112 -20.77 6.08 6.48
C ARG B 112 -19.64 5.24 7.05
N SER B 113 -18.97 4.44 6.21
CA SER B 113 -17.83 3.65 6.63
C SER B 113 -16.58 4.16 5.92
N SER B 114 -15.49 4.28 6.67
CA SER B 114 -14.25 4.81 6.10
C SER B 114 -13.65 3.84 5.08
N TRP B 115 -13.36 2.61 5.52
CA TRP B 115 -12.73 1.62 4.65
C TRP B 115 -13.78 1.02 3.72
N VAL B 116 -13.59 1.19 2.42
CA VAL B 116 -14.48 0.63 1.41
C VAL B 116 -13.63 0.00 0.31
N MET B 117 -14.16 -1.05 -0.32
CA MET B 117 -13.40 -1.82 -1.28
C MET B 117 -14.08 -1.97 -2.64
N THR B 118 -15.34 -1.60 -2.78
CA THR B 118 -16.09 -1.85 -3.99
C THR B 118 -16.66 -0.55 -4.56
N CYS B 119 -16.90 -0.57 -5.88
CA CYS B 119 -17.54 0.53 -6.58
C CYS B 119 -18.32 -0.05 -7.75
N ALA B 120 -19.47 0.56 -8.04
CA ALA B 120 -20.32 0.09 -9.13
C ALA B 120 -21.20 1.23 -9.60
N TYR B 121 -21.07 1.60 -10.87
CA TYR B 121 -21.92 2.60 -11.49
C TYR B 121 -23.04 1.90 -12.25
N ALA B 122 -24.27 2.29 -11.97
CA ALA B 122 -25.42 1.67 -12.61
C ALA B 122 -25.38 1.93 -14.12
N PRO B 123 -25.88 0.98 -14.92
CA PRO B 123 -25.91 1.20 -16.38
C PRO B 123 -26.80 2.35 -16.79
N SER B 124 -27.77 2.75 -15.97
CA SER B 124 -28.61 3.89 -16.25
C SER B 124 -28.02 5.21 -15.78
N GLY B 125 -26.97 5.16 -14.97
CA GLY B 125 -26.33 6.37 -14.47
C GLY B 125 -27.01 7.01 -13.28
N ASN B 126 -27.89 6.28 -12.59
CA ASN B 126 -28.62 6.82 -11.45
C ASN B 126 -28.11 6.31 -10.11
N TYR B 127 -27.89 5.00 -10.00
CA TYR B 127 -27.46 4.41 -8.73
C TYR B 127 -25.95 4.24 -8.69
N VAL B 128 -25.39 4.33 -7.49
CA VAL B 128 -23.97 4.17 -7.26
C VAL B 128 -23.78 3.33 -6.01
N ALA B 129 -22.94 2.30 -6.11
CA ALA B 129 -22.72 1.36 -5.03
C ALA B 129 -21.35 1.55 -4.40
N CYS B 130 -21.28 1.34 -3.09
CA CYS B 130 -20.02 1.35 -2.35
C CYS B 130 -20.08 0.21 -1.33
N GLY B 131 -19.07 0.12 -0.49
CA GLY B 131 -19.02 -0.90 0.53
C GLY B 131 -17.60 -1.40 0.75
N GLY B 132 -17.40 -2.04 1.89
CA GLY B 132 -16.09 -2.53 2.27
C GLY B 132 -16.15 -3.48 3.45
N LEU B 133 -15.21 -3.32 4.38
CA LEU B 133 -15.16 -4.16 5.58
C LEU B 133 -16.36 -3.95 6.51
N ASP B 134 -17.25 -3.02 6.19
CA ASP B 134 -18.40 -2.74 7.03
C ASP B 134 -19.53 -3.74 6.81
N ASN B 135 -19.35 -4.71 5.92
CA ASN B 135 -20.31 -5.79 5.64
C ASN B 135 -21.62 -5.28 5.07
N ILE B 136 -21.70 -4.02 4.66
CA ILE B 136 -22.92 -3.46 4.11
C ILE B 136 -22.62 -2.80 2.77
N CYS B 137 -23.62 -2.78 1.91
CA CYS B 137 -23.56 -2.11 0.61
C CYS B 137 -24.47 -0.89 0.67
N SER B 138 -23.90 0.28 0.43
CA SER B 138 -24.63 1.55 0.49
C SER B 138 -24.90 2.02 -0.92
N ILE B 139 -26.15 1.86 -1.36
CA ILE B 139 -26.58 2.30 -2.68
C ILE B 139 -27.11 3.73 -2.56
N TYR B 140 -26.53 4.64 -3.32
CA TYR B 140 -26.94 6.03 -3.36
C TYR B 140 -27.55 6.37 -4.71
N ASN B 141 -28.46 7.34 -4.70
CA ASN B 141 -29.11 7.82 -5.92
C ASN B 141 -28.61 9.21 -6.26
N LEU B 142 -28.39 9.46 -7.55
CA LEU B 142 -27.80 10.72 -8.01
C LEU B 142 -28.83 11.66 -8.61
N LYS B 143 -29.82 11.15 -9.34
CA LYS B 143 -30.80 11.97 -10.03
C LYS B 143 -31.97 12.39 -9.14
N THR B 144 -31.78 12.37 -7.82
CA THR B 144 -32.84 12.76 -6.90
C THR B 144 -33.09 14.27 -7.00
N ARG B 145 -34.37 14.65 -6.97
CA ARG B 145 -34.76 16.04 -7.04
C ARG B 145 -34.57 16.78 -5.71
N GLU B 146 -34.22 16.07 -4.64
CA GLU B 146 -34.04 16.68 -3.33
C GLU B 146 -32.74 17.46 -3.22
N GLY B 147 -31.88 17.44 -4.25
CA GLY B 147 -30.64 18.18 -4.20
C GLY B 147 -29.45 17.32 -3.82
N ASN B 148 -29.04 17.41 -2.55
CA ASN B 148 -27.89 16.64 -2.08
C ASN B 148 -28.19 15.14 -2.12
N VAL B 149 -27.13 14.34 -2.12
CA VAL B 149 -27.23 12.90 -2.18
C VAL B 149 -27.29 12.34 -0.77
N ARG B 150 -28.09 11.29 -0.60
CA ARG B 150 -28.24 10.62 0.69
C ARG B 150 -28.21 9.12 0.47
N VAL B 151 -28.21 8.38 1.57
CA VAL B 151 -28.20 6.92 1.50
C VAL B 151 -29.58 6.45 1.03
N SER B 152 -29.63 5.89 -0.19
CA SER B 152 -30.90 5.42 -0.73
C SER B 152 -31.24 4.02 -0.24
N ARG B 153 -30.24 3.16 -0.07
CA ARG B 153 -30.50 1.80 0.37
C ARG B 153 -29.26 1.27 1.10
N GLU B 154 -29.50 0.46 2.13
CA GLU B 154 -28.44 -0.19 2.89
C GLU B 154 -28.68 -1.69 2.89
N LEU B 155 -27.67 -2.44 2.47
CA LEU B 155 -27.75 -3.90 2.38
C LEU B 155 -26.82 -4.51 3.41
N ALA B 156 -27.40 -5.16 4.42
CA ALA B 156 -26.65 -5.77 5.53
C ALA B 156 -27.08 -7.23 5.66
N GLY B 157 -26.43 -8.10 4.89
CA GLY B 157 -26.72 -9.52 4.97
C GLY B 157 -25.47 -10.37 4.83
N HIS B 158 -24.31 -9.72 4.73
CA HIS B 158 -23.05 -10.41 4.53
C HIS B 158 -22.27 -10.50 5.84
N THR B 159 -21.58 -11.63 6.03
CA THR B 159 -20.67 -11.81 7.15
C THR B 159 -19.21 -11.61 6.76
N GLY B 160 -18.96 -11.15 5.52
CA GLY B 160 -17.61 -10.90 5.06
C GLY B 160 -17.53 -9.60 4.30
N TYR B 161 -16.29 -9.15 4.10
CA TYR B 161 -16.06 -7.89 3.43
C TYR B 161 -16.57 -7.95 1.98
N LEU B 162 -17.02 -6.80 1.50
CA LEU B 162 -17.53 -6.67 0.13
C LEU B 162 -16.35 -6.24 -0.75
N SER B 163 -15.73 -7.23 -1.41
CA SER B 163 -14.56 -6.94 -2.23
C SER B 163 -14.95 -6.19 -3.50
N CYS B 164 -16.01 -6.64 -4.18
CA CYS B 164 -16.44 -5.99 -5.40
C CYS B 164 -17.95 -6.19 -5.56
N CYS B 165 -18.55 -5.35 -6.40
CA CYS B 165 -19.97 -5.41 -6.68
C CYS B 165 -20.23 -4.82 -8.05
N ARG B 166 -21.29 -5.29 -8.70
CA ARG B 166 -21.62 -4.88 -10.05
C ARG B 166 -23.12 -4.73 -10.20
N PHE B 167 -23.55 -3.63 -10.82
CA PHE B 167 -24.96 -3.35 -11.04
C PHE B 167 -25.41 -4.03 -12.33
N LEU B 168 -26.50 -4.80 -12.24
CA LEU B 168 -27.13 -5.35 -13.43
C LEU B 168 -28.04 -4.33 -14.09
N ASP B 169 -28.86 -3.66 -13.28
CA ASP B 169 -29.75 -2.60 -13.75
C ASP B 169 -30.09 -1.72 -12.56
N ASP B 170 -31.10 -0.87 -12.71
CA ASP B 170 -31.53 -0.01 -11.62
C ASP B 170 -32.25 -0.77 -10.51
N ASN B 171 -32.55 -2.06 -10.71
CA ASN B 171 -33.31 -2.84 -9.75
C ASN B 171 -32.44 -3.77 -8.90
N GLN B 172 -31.58 -4.56 -9.53
CA GLN B 172 -30.79 -5.56 -8.82
C GLN B 172 -29.31 -5.30 -9.02
N ILE B 173 -28.51 -5.75 -8.04
CA ILE B 173 -27.06 -5.59 -8.05
C ILE B 173 -26.45 -6.82 -7.38
N VAL B 174 -25.42 -7.38 -8.01
CA VAL B 174 -24.78 -8.59 -7.50
C VAL B 174 -23.48 -8.20 -6.83
N THR B 175 -23.31 -8.60 -5.57
CA THR B 175 -22.17 -8.21 -4.76
C THR B 175 -21.40 -9.45 -4.32
N SER B 176 -20.08 -9.36 -4.35
CA SER B 176 -19.22 -10.40 -3.81
C SER B 176 -19.23 -10.31 -2.28
N SER B 177 -18.43 -11.17 -1.65
CA SER B 177 -18.37 -11.20 -0.20
C SER B 177 -17.07 -11.87 0.22
N GLY B 178 -16.77 -11.75 1.52
CA GLY B 178 -15.65 -12.43 2.13
C GLY B 178 -15.97 -13.77 2.72
N ASP B 179 -17.24 -14.18 2.70
CA ASP B 179 -17.67 -15.46 3.24
C ASP B 179 -18.17 -16.40 2.15
N THR B 180 -17.59 -16.31 0.95
CA THR B 180 -17.85 -17.19 -0.19
C THR B 180 -19.32 -17.20 -0.61
N THR B 181 -20.07 -16.13 -0.33
CA THR B 181 -21.48 -16.05 -0.68
C THR B 181 -21.74 -14.76 -1.43
N CYS B 182 -21.70 -14.82 -2.77
CA CYS B 182 -22.15 -13.69 -3.58
C CYS B 182 -23.67 -13.58 -3.50
N ALA B 183 -24.15 -12.36 -3.35
CA ALA B 183 -25.57 -12.10 -3.14
C ALA B 183 -26.12 -11.17 -4.20
N LEU B 184 -27.28 -11.52 -4.75
CA LEU B 184 -27.97 -10.70 -5.73
C LEU B 184 -29.03 -9.89 -4.98
N TRP B 185 -28.64 -8.70 -4.54
CA TRP B 185 -29.54 -7.84 -3.80
C TRP B 185 -30.49 -7.11 -4.75
N ASP B 186 -31.68 -6.80 -4.24
CA ASP B 186 -32.67 -6.02 -4.96
C ASP B 186 -32.88 -4.71 -4.21
N ILE B 187 -32.74 -3.59 -4.93
CA ILE B 187 -32.85 -2.28 -4.28
C ILE B 187 -34.27 -2.04 -3.79
N GLU B 188 -35.27 -2.65 -4.44
CA GLU B 188 -36.66 -2.43 -4.05
C GLU B 188 -36.95 -3.01 -2.66
N THR B 189 -36.51 -4.24 -2.42
CA THR B 189 -36.81 -4.91 -1.15
C THR B 189 -35.62 -4.96 -0.20
N GLY B 190 -34.39 -4.78 -0.70
CA GLY B 190 -33.23 -4.84 0.16
C GLY B 190 -32.96 -6.21 0.75
N GLN B 191 -33.32 -7.27 0.04
CA GLN B 191 -33.14 -8.63 0.52
C GLN B 191 -32.57 -9.50 -0.59
N GLN B 192 -31.73 -10.44 -0.20
CA GLN B 192 -31.10 -11.34 -1.15
C GLN B 192 -32.13 -12.31 -1.73
N THR B 193 -32.40 -12.19 -3.03
CA THR B 193 -33.32 -13.12 -3.67
C THR B 193 -32.67 -14.49 -3.86
N THR B 194 -31.41 -14.51 -4.27
CA THR B 194 -30.64 -15.73 -4.44
C THR B 194 -29.31 -15.60 -3.71
N THR B 195 -28.53 -16.68 -3.72
CA THR B 195 -27.19 -16.67 -3.14
C THR B 195 -26.31 -17.62 -3.94
N PHE B 196 -25.11 -17.18 -4.26
CA PHE B 196 -24.19 -17.97 -5.09
C PHE B 196 -23.17 -18.67 -4.20
N THR B 197 -23.68 -19.64 -3.45
CA THR B 197 -22.83 -20.44 -2.57
C THR B 197 -22.11 -21.52 -3.37
N GLY B 198 -20.89 -21.84 -2.93
CA GLY B 198 -20.10 -22.86 -3.58
C GLY B 198 -18.63 -22.53 -3.66
N HIS B 199 -18.27 -21.28 -3.40
CA HIS B 199 -16.88 -20.88 -3.43
C HIS B 199 -16.12 -21.40 -2.21
N THR B 200 -14.82 -21.59 -2.39
CA THR B 200 -13.94 -22.03 -1.30
C THR B 200 -13.21 -20.86 -0.64
N GLY B 201 -12.67 -19.95 -1.43
CA GLY B 201 -12.04 -18.76 -0.89
C GLY B 201 -12.88 -17.52 -1.09
N ASP B 202 -12.63 -16.49 -0.29
CA ASP B 202 -13.41 -15.26 -0.37
C ASP B 202 -13.32 -14.66 -1.77
N VAL B 203 -14.48 -14.24 -2.28
CA VAL B 203 -14.56 -13.70 -3.64
C VAL B 203 -13.90 -12.32 -3.67
N MET B 204 -12.92 -12.16 -4.56
CA MET B 204 -12.20 -10.90 -4.65
C MET B 204 -12.77 -9.95 -5.69
N SER B 205 -13.37 -10.46 -6.76
CA SER B 205 -13.95 -9.58 -7.77
C SER B 205 -15.00 -10.35 -8.54
N LEU B 206 -15.78 -9.61 -9.35
CA LEU B 206 -16.78 -10.21 -10.21
C LEU B 206 -17.09 -9.27 -11.35
N SER B 207 -17.51 -9.83 -12.48
CA SER B 207 -17.84 -9.06 -13.66
C SER B 207 -19.11 -9.61 -14.29
N LEU B 208 -19.78 -8.74 -15.05
CA LEU B 208 -21.05 -9.05 -15.70
C LEU B 208 -20.87 -9.14 -17.20
N ALA B 209 -21.61 -10.05 -17.82
CA ALA B 209 -21.59 -10.19 -19.26
C ALA B 209 -22.40 -9.08 -19.92
N PRO B 210 -22.12 -8.77 -21.19
CA PRO B 210 -22.92 -7.74 -21.88
C PRO B 210 -24.40 -8.06 -21.90
N ASP B 211 -24.78 -9.33 -22.10
CA ASP B 211 -26.18 -9.71 -22.08
C ASP B 211 -26.77 -9.73 -20.67
N THR B 212 -25.93 -9.66 -19.64
CA THR B 212 -26.30 -9.58 -18.22
C THR B 212 -27.01 -10.84 -17.74
N ARG B 213 -27.19 -11.86 -18.58
CA ARG B 213 -27.87 -13.07 -18.15
C ARG B 213 -27.01 -13.89 -17.20
N LEU B 214 -25.69 -13.82 -17.33
CA LEU B 214 -24.78 -14.60 -16.51
C LEU B 214 -23.57 -13.74 -16.15
N PHE B 215 -22.97 -14.04 -14.99
CA PHE B 215 -21.88 -13.25 -14.47
C PHE B 215 -20.81 -14.16 -13.89
N VAL B 216 -19.56 -13.70 -13.98
CA VAL B 216 -18.42 -14.48 -13.49
C VAL B 216 -17.89 -13.82 -12.22
N SER B 217 -17.25 -14.61 -11.38
CA SER B 217 -16.69 -14.13 -10.12
C SER B 217 -15.36 -14.81 -9.86
N GLY B 218 -14.30 -14.02 -9.70
CA GLY B 218 -13.00 -14.53 -9.36
C GLY B 218 -12.75 -14.40 -7.87
N ALA B 219 -12.46 -15.53 -7.23
CA ALA B 219 -12.23 -15.61 -5.80
C ALA B 219 -10.76 -15.94 -5.53
N CYS B 220 -10.44 -16.10 -4.25
CA CYS B 220 -9.10 -16.47 -3.83
C CYS B 220 -8.84 -17.97 -3.85
N ASP B 221 -9.81 -18.77 -4.26
CA ASP B 221 -9.63 -20.21 -4.37
C ASP B 221 -8.99 -20.63 -5.69
N ALA B 222 -8.44 -19.68 -6.45
CA ALA B 222 -7.80 -19.94 -7.74
C ALA B 222 -8.73 -20.62 -8.73
N SER B 223 -10.04 -20.43 -8.57
CA SER B 223 -11.04 -21.06 -9.44
C SER B 223 -12.17 -20.05 -9.66
N ALA B 224 -12.13 -19.37 -10.80
CA ALA B 224 -13.19 -18.43 -11.15
C ALA B 224 -14.48 -19.20 -11.43
N LYS B 225 -15.58 -18.78 -10.80
CA LYS B 225 -16.86 -19.46 -10.92
C LYS B 225 -17.83 -18.56 -11.69
N LEU B 226 -18.40 -19.10 -12.75
CA LEU B 226 -19.38 -18.39 -13.56
C LEU B 226 -20.78 -18.88 -13.18
N TRP B 227 -21.60 -17.98 -12.65
CA TRP B 227 -22.96 -18.26 -12.24
C TRP B 227 -23.95 -17.55 -13.15
N ASP B 228 -25.22 -17.89 -12.98
CA ASP B 228 -26.31 -17.24 -13.67
C ASP B 228 -27.19 -16.51 -12.66
N VAL B 229 -27.72 -15.36 -13.05
CA VAL B 229 -28.51 -14.55 -12.13
C VAL B 229 -29.99 -14.93 -12.13
N ARG B 230 -30.43 -15.76 -13.06
CA ARG B 230 -31.83 -16.13 -13.12
C ARG B 230 -32.15 -17.32 -12.23
N GLU B 231 -31.29 -18.35 -12.22
CA GLU B 231 -31.50 -19.51 -11.39
C GLU B 231 -30.59 -19.56 -10.17
N GLY B 232 -29.47 -18.85 -10.17
CA GLY B 232 -28.62 -18.77 -9.01
C GLY B 232 -27.72 -19.97 -8.77
N MET B 233 -27.48 -20.79 -9.79
CA MET B 233 -26.62 -21.96 -9.67
C MET B 233 -25.25 -21.68 -10.29
N CYS B 234 -24.34 -22.63 -10.11
CA CYS B 234 -22.97 -22.53 -10.62
C CYS B 234 -22.94 -23.11 -12.02
N ARG B 235 -22.87 -22.24 -13.03
CA ARG B 235 -22.84 -22.71 -14.41
C ARG B 235 -21.51 -23.36 -14.75
N GLN B 236 -20.41 -22.66 -14.53
CA GLN B 236 -19.09 -23.16 -14.90
C GLN B 236 -18.09 -22.84 -13.79
N THR B 237 -16.98 -23.58 -13.80
CA THR B 237 -15.89 -23.35 -12.86
C THR B 237 -14.57 -23.50 -13.61
N PHE B 238 -13.57 -22.71 -13.19
CA PHE B 238 -12.26 -22.70 -13.83
C PHE B 238 -11.21 -22.74 -12.74
N THR B 239 -10.49 -23.86 -12.64
CA THR B 239 -9.48 -24.07 -11.60
C THR B 239 -8.07 -24.01 -12.15
N GLY B 240 -7.88 -23.43 -13.34
CA GLY B 240 -6.59 -23.37 -13.97
C GLY B 240 -5.62 -22.34 -13.40
N HIS B 241 -5.99 -21.65 -12.33
CA HIS B 241 -5.16 -20.60 -11.77
C HIS B 241 -4.22 -21.17 -10.71
N GLU B 242 -3.40 -20.29 -10.14
CA GLU B 242 -2.43 -20.68 -9.13
C GLU B 242 -2.47 -19.85 -7.86
N SER B 243 -3.24 -18.77 -7.82
CA SER B 243 -3.28 -17.90 -6.65
C SER B 243 -4.62 -17.18 -6.62
N ASP B 244 -4.76 -16.25 -5.66
CA ASP B 244 -6.01 -15.51 -5.51
C ASP B 244 -6.28 -14.66 -6.73
N ILE B 245 -7.43 -14.88 -7.36
CA ILE B 245 -7.83 -14.08 -8.52
C ILE B 245 -8.28 -12.71 -8.02
N ASN B 246 -7.37 -11.73 -8.08
CA ASN B 246 -7.66 -10.42 -7.53
C ASN B 246 -8.70 -9.67 -8.34
N ALA B 247 -8.77 -9.91 -9.65
CA ALA B 247 -9.72 -9.19 -10.48
C ALA B 247 -10.15 -10.07 -11.64
N ILE B 248 -11.32 -9.75 -12.19
CA ILE B 248 -11.90 -10.48 -13.31
C ILE B 248 -12.54 -9.48 -14.26
N CYS B 249 -12.65 -9.86 -15.52
CA CYS B 249 -13.27 -8.98 -16.52
C CYS B 249 -13.83 -9.82 -17.66
N PHE B 250 -15.13 -9.70 -17.91
CA PHE B 250 -15.74 -10.42 -19.01
C PHE B 250 -15.30 -9.83 -20.35
N PHE B 251 -15.12 -10.70 -21.34
CA PHE B 251 -14.82 -10.24 -22.69
C PHE B 251 -16.02 -9.51 -23.27
N PRO B 252 -15.79 -8.47 -24.07
CA PRO B 252 -16.92 -7.74 -24.69
C PRO B 252 -17.82 -8.62 -25.55
N ASN B 253 -17.32 -9.76 -26.03
CA ASN B 253 -18.16 -10.69 -26.78
C ASN B 253 -19.08 -11.49 -25.87
N GLY B 254 -18.78 -11.58 -24.58
CA GLY B 254 -19.60 -12.31 -23.64
C GLY B 254 -19.33 -13.79 -23.57
N ASN B 255 -18.36 -14.31 -24.32
CA ASN B 255 -18.05 -15.73 -24.34
C ASN B 255 -16.75 -16.07 -23.63
N ALA B 256 -15.95 -15.08 -23.25
CA ALA B 256 -14.69 -15.32 -22.57
C ALA B 256 -14.52 -14.29 -21.46
N PHE B 257 -13.46 -14.44 -20.68
CA PHE B 257 -13.17 -13.50 -19.60
C PHE B 257 -11.75 -13.70 -19.12
N ALA B 258 -11.10 -12.59 -18.78
CA ALA B 258 -9.74 -12.60 -18.26
C ALA B 258 -9.76 -12.51 -16.73
N THR B 259 -8.76 -13.13 -16.11
CA THR B 259 -8.63 -13.21 -14.66
C THR B 259 -7.21 -12.82 -14.29
N GLY B 260 -7.06 -11.77 -13.49
CA GLY B 260 -5.78 -11.36 -12.98
C GLY B 260 -5.64 -11.75 -11.52
N SER B 261 -4.59 -12.51 -11.22
CA SER B 261 -4.37 -13.07 -9.89
C SER B 261 -3.07 -12.54 -9.33
N ASP B 262 -2.67 -13.08 -8.17
CA ASP B 262 -1.44 -12.67 -7.51
C ASP B 262 -0.22 -13.43 -8.03
N ASP B 263 -0.41 -14.44 -8.86
CA ASP B 263 0.70 -15.24 -9.37
C ASP B 263 1.37 -14.63 -10.59
N ALA B 264 1.10 -13.36 -10.88
CA ALA B 264 1.67 -12.64 -12.03
C ALA B 264 1.28 -13.25 -13.36
N THR B 265 0.17 -13.98 -13.41
CA THR B 265 -0.32 -14.58 -14.64
C THR B 265 -1.78 -14.18 -14.84
N CYS B 266 -2.06 -13.54 -15.98
CA CYS B 266 -3.43 -13.22 -16.38
C CYS B 266 -3.94 -14.35 -17.26
N ARG B 267 -4.95 -15.06 -16.80
CA ARG B 267 -5.45 -16.24 -17.48
C ARG B 267 -6.78 -15.93 -18.17
N LEU B 268 -6.86 -16.27 -19.45
CA LEU B 268 -8.07 -16.02 -20.25
C LEU B 268 -8.85 -17.33 -20.36
N PHE B 269 -10.03 -17.37 -19.75
CA PHE B 269 -10.90 -18.53 -19.84
C PHE B 269 -12.07 -18.25 -20.76
N ASP B 270 -12.71 -19.33 -21.22
CA ASP B 270 -13.85 -19.25 -22.11
C ASP B 270 -15.01 -20.02 -21.50
N LEU B 271 -16.22 -19.48 -21.66
CA LEU B 271 -17.40 -20.11 -21.07
C LEU B 271 -17.73 -21.42 -21.77
N ARG B 272 -17.78 -21.40 -23.11
CA ARG B 272 -18.14 -22.61 -23.85
C ARG B 272 -17.01 -23.63 -23.83
N ALA B 273 -15.76 -23.17 -23.90
CA ALA B 273 -14.63 -24.09 -23.85
C ALA B 273 -14.40 -24.66 -22.46
N ASP B 274 -14.83 -23.94 -21.41
CA ASP B 274 -14.70 -24.38 -20.02
C ASP B 274 -13.25 -24.63 -19.64
N GLN B 275 -12.32 -23.90 -20.26
CA GLN B 275 -10.90 -24.06 -19.97
C GLN B 275 -10.20 -22.74 -20.27
N GLU B 276 -8.88 -22.75 -20.06
CA GLU B 276 -8.07 -21.55 -20.26
C GLU B 276 -7.63 -21.44 -21.72
N LEU B 277 -7.51 -20.20 -22.18
CA LEU B 277 -7.05 -19.89 -23.53
C LEU B 277 -5.60 -19.45 -23.57
N MET B 278 -5.22 -18.47 -22.75
CA MET B 278 -3.87 -17.95 -22.74
C MET B 278 -3.47 -17.53 -21.33
N THR B 279 -2.16 -17.50 -21.11
CA THR B 279 -1.55 -17.10 -19.85
C THR B 279 -0.57 -15.97 -20.16
N TYR B 280 -1.01 -14.73 -19.92
CA TYR B 280 -0.19 -13.55 -20.19
C TYR B 280 0.82 -13.31 -19.07
N SER B 281 1.71 -14.29 -18.90
CA SER B 281 2.76 -14.23 -17.90
C SER B 281 4.04 -13.69 -18.50
N HIS B 282 4.97 -13.33 -17.63
CA HIS B 282 6.25 -12.79 -18.06
C HIS B 282 7.29 -13.01 -16.95
N ASP B 283 8.53 -13.27 -17.35
CA ASP B 283 9.59 -13.48 -16.38
C ASP B 283 9.97 -12.20 -15.66
N ASN B 284 9.78 -11.04 -16.30
CA ASN B 284 10.11 -9.75 -15.72
C ASN B 284 9.00 -9.23 -14.81
N ILE B 285 8.06 -10.09 -14.40
CA ILE B 285 6.96 -9.71 -13.54
C ILE B 285 6.91 -10.69 -12.38
N ILE B 286 7.24 -10.22 -11.17
CA ILE B 286 7.14 -11.03 -9.97
C ILE B 286 5.97 -10.63 -9.09
N CYS B 287 5.37 -9.48 -9.32
CA CYS B 287 4.22 -9.03 -8.54
C CYS B 287 2.92 -9.50 -9.19
N GLY B 288 1.88 -9.58 -8.37
CA GLY B 288 0.60 -10.05 -8.86
C GLY B 288 -0.24 -8.96 -9.50
N ILE B 289 -1.24 -9.40 -10.27
CA ILE B 289 -2.15 -8.47 -10.92
C ILE B 289 -3.22 -8.04 -9.92
N THR B 290 -3.52 -6.74 -9.92
CA THR B 290 -4.55 -6.19 -9.05
C THR B 290 -5.85 -5.89 -9.76
N SER B 291 -5.80 -5.47 -11.03
CA SER B 291 -7.02 -5.17 -11.78
C SER B 291 -6.86 -5.64 -13.22
N VAL B 292 -7.99 -5.97 -13.84
CA VAL B 292 -8.01 -6.46 -15.22
C VAL B 292 -9.23 -5.89 -15.92
N SER B 293 -9.05 -5.38 -17.13
CA SER B 293 -10.17 -4.88 -17.92
C SER B 293 -9.87 -5.02 -19.40
N PHE B 294 -10.88 -5.42 -20.16
CA PHE B 294 -10.73 -5.52 -21.60
C PHE B 294 -11.05 -4.18 -22.26
N SER B 295 -10.59 -4.03 -23.51
CA SER B 295 -10.89 -2.84 -24.29
C SER B 295 -12.27 -3.01 -24.94
N LYS B 296 -12.60 -2.13 -25.89
CA LYS B 296 -13.87 -2.26 -26.60
C LYS B 296 -13.89 -3.51 -27.47
N SER B 297 -12.80 -3.76 -28.21
CA SER B 297 -12.69 -4.95 -29.03
C SER B 297 -12.21 -6.17 -28.25
N GLY B 298 -11.65 -5.97 -27.06
CA GLY B 298 -11.11 -7.06 -26.28
C GLY B 298 -9.73 -7.52 -26.71
N ARG B 299 -9.20 -7.01 -27.83
CA ARG B 299 -7.85 -7.38 -28.24
C ARG B 299 -6.82 -6.88 -27.23
N LEU B 300 -7.03 -5.68 -26.70
CA LEU B 300 -6.15 -5.12 -25.68
C LEU B 300 -6.65 -5.50 -24.29
N LEU B 301 -5.71 -5.65 -23.36
CA LEU B 301 -6.03 -6.03 -21.99
C LEU B 301 -5.24 -5.13 -21.04
N LEU B 302 -5.94 -4.24 -20.34
CA LEU B 302 -5.32 -3.40 -19.33
C LEU B 302 -5.23 -4.17 -18.02
N ALA B 303 -4.01 -4.41 -17.55
CA ALA B 303 -3.77 -5.15 -16.31
C ALA B 303 -2.98 -4.27 -15.37
N GLY B 304 -3.61 -3.88 -14.25
CA GLY B 304 -2.94 -3.16 -13.20
C GLY B 304 -2.28 -4.12 -12.23
N TYR B 305 -0.95 -4.18 -12.28
CA TYR B 305 -0.16 -5.09 -11.46
C TYR B 305 0.11 -4.46 -10.10
N ASP B 306 1.02 -5.06 -9.35
CA ASP B 306 1.47 -4.50 -8.08
C ASP B 306 2.83 -3.81 -8.18
N ASP B 307 3.40 -3.74 -9.38
CA ASP B 307 4.68 -3.07 -9.60
C ASP B 307 4.53 -1.59 -9.94
N PHE B 308 3.44 -0.97 -9.49
CA PHE B 308 3.16 0.45 -9.66
C PHE B 308 2.98 0.84 -11.13
N ASN B 309 2.83 -0.13 -12.03
CA ASN B 309 2.70 0.14 -13.45
C ASN B 309 1.60 -0.72 -14.05
N CYS B 310 0.88 -0.14 -15.00
CA CYS B 310 -0.21 -0.82 -15.70
C CYS B 310 0.30 -1.29 -17.06
N ASN B 311 0.04 -2.55 -17.39
CA ASN B 311 0.52 -3.16 -18.62
C ASN B 311 -0.63 -3.37 -19.59
N VAL B 312 -0.45 -2.91 -20.82
CA VAL B 312 -1.34 -3.26 -21.92
C VAL B 312 -0.79 -4.53 -22.56
N TRP B 313 -1.55 -5.61 -22.46
CA TRP B 313 -1.21 -6.88 -23.09
C TRP B 313 -2.11 -7.11 -24.30
N ASP B 314 -1.67 -8.02 -25.17
CA ASP B 314 -2.45 -8.43 -26.33
C ASP B 314 -3.17 -9.73 -26.00
N ALA B 315 -4.46 -9.78 -26.29
CA ALA B 315 -5.25 -10.98 -26.01
C ALA B 315 -4.97 -12.11 -27.00
N LEU B 316 -4.27 -11.83 -28.10
CA LEU B 316 -3.95 -12.83 -29.10
C LEU B 316 -2.47 -13.16 -29.14
N LYS B 317 -1.60 -12.15 -29.21
CA LYS B 317 -0.17 -12.39 -29.31
C LYS B 317 0.43 -12.90 -28.01
N ALA B 318 -0.30 -12.76 -26.89
CA ALA B 318 0.16 -13.25 -25.58
C ALA B 318 1.47 -12.60 -25.16
N ASP B 319 1.59 -11.29 -25.39
CA ASP B 319 2.75 -10.52 -24.97
C ASP B 319 2.30 -9.14 -24.52
N ARG B 320 3.09 -8.54 -23.64
CA ARG B 320 2.77 -7.20 -23.12
C ARG B 320 3.02 -6.16 -24.20
N ALA B 321 1.95 -5.58 -24.74
CA ALA B 321 2.10 -4.56 -25.77
C ALA B 321 2.80 -3.32 -25.26
N GLY B 322 2.71 -3.03 -23.97
CA GLY B 322 3.39 -1.87 -23.42
C GLY B 322 3.18 -1.77 -21.93
N VAL B 323 3.98 -0.88 -21.32
CA VAL B 323 3.90 -0.57 -19.90
C VAL B 323 3.72 0.93 -19.75
N LEU B 324 2.90 1.34 -18.78
CA LEU B 324 2.56 2.74 -18.58
C LEU B 324 3.27 3.29 -17.35
N ALA B 325 3.75 4.52 -17.46
CA ALA B 325 4.38 5.24 -16.35
C ALA B 325 3.30 5.84 -15.46
N GLY B 326 3.69 6.77 -14.59
CA GLY B 326 2.73 7.44 -13.74
C GLY B 326 2.75 6.99 -12.29
N HIS B 327 1.80 6.14 -11.92
CA HIS B 327 1.62 5.73 -10.52
C HIS B 327 2.93 5.29 -9.90
N ASP B 328 3.17 5.76 -8.67
CA ASP B 328 4.29 5.28 -7.87
C ASP B 328 3.88 4.24 -6.84
N ASN B 329 2.60 4.13 -6.54
CA ASN B 329 2.06 3.14 -5.62
C ASN B 329 1.32 2.07 -6.41
N ARG B 330 0.81 1.07 -5.69
CA ARG B 330 0.12 -0.04 -6.33
C ARG B 330 -1.16 0.43 -7.01
N VAL B 331 -1.30 0.11 -8.30
CA VAL B 331 -2.53 0.42 -9.03
C VAL B 331 -3.58 -0.61 -8.64
N SER B 332 -4.61 -0.16 -7.93
CA SER B 332 -5.63 -1.06 -7.40
C SER B 332 -6.82 -1.21 -8.34
N CYS B 333 -7.38 -0.09 -8.80
CA CYS B 333 -8.60 -0.11 -9.59
C CYS B 333 -8.32 0.27 -11.03
N LEU B 334 -9.09 -0.30 -11.94
CA LEU B 334 -8.94 -0.06 -13.36
C LEU B 334 -10.30 -0.18 -14.03
N GLY B 335 -10.60 0.77 -14.93
CA GLY B 335 -11.87 0.74 -15.61
C GLY B 335 -11.81 1.24 -17.05
N VAL B 336 -12.29 0.43 -17.97
CA VAL B 336 -12.41 0.82 -19.38
C VAL B 336 -13.86 1.15 -19.68
N THR B 337 -14.08 2.21 -20.45
CA THR B 337 -15.44 2.64 -20.76
C THR B 337 -16.18 1.57 -21.55
N ASP B 338 -17.51 1.75 -21.64
CA ASP B 338 -18.33 0.80 -22.37
C ASP B 338 -17.99 0.80 -23.86
N ASP B 339 -17.58 1.94 -24.40
CA ASP B 339 -17.16 2.04 -25.79
C ASP B 339 -15.65 1.96 -25.96
N GLY B 340 -14.91 1.73 -24.89
CA GLY B 340 -13.46 1.66 -24.97
C GLY B 340 -12.80 2.96 -25.35
N MET B 341 -13.31 4.09 -24.86
CA MET B 341 -12.77 5.38 -25.24
C MET B 341 -11.48 5.71 -24.49
N ALA B 342 -11.53 5.65 -23.16
CA ALA B 342 -10.37 6.03 -22.34
C ALA B 342 -10.37 5.19 -21.07
N VAL B 343 -9.26 4.48 -20.85
CA VAL B 343 -9.11 3.66 -19.66
C VAL B 343 -8.61 4.53 -18.51
N ALA B 344 -9.23 4.35 -17.34
CA ALA B 344 -8.87 5.09 -16.13
C ALA B 344 -8.27 4.12 -15.12
N THR B 345 -7.05 4.41 -14.67
CA THR B 345 -6.33 3.60 -13.71
C THR B 345 -6.18 4.40 -12.42
N GLY B 346 -6.75 3.88 -11.33
CA GLY B 346 -6.61 4.50 -10.04
C GLY B 346 -5.75 3.68 -9.10
N SER B 347 -4.66 4.27 -8.63
CA SER B 347 -3.69 3.59 -7.79
C SER B 347 -3.87 3.98 -6.33
N TRP B 348 -2.95 3.53 -5.48
CA TRP B 348 -3.00 3.83 -4.06
C TRP B 348 -2.41 5.19 -3.71
N ASP B 349 -2.10 6.01 -4.71
CA ASP B 349 -1.55 7.34 -4.49
C ASP B 349 -2.59 8.45 -4.66
N SER B 350 -3.87 8.11 -4.52
CA SER B 350 -4.97 9.07 -4.66
C SER B 350 -5.00 9.71 -6.04
N PHE B 351 -4.48 9.01 -7.04
CA PHE B 351 -4.42 9.51 -8.41
C PHE B 351 -5.24 8.62 -9.33
N LEU B 352 -5.84 9.24 -10.35
CA LEU B 352 -6.64 8.54 -11.36
C LEU B 352 -6.13 8.99 -12.74
N LYS B 353 -5.20 8.21 -13.30
CA LYS B 353 -4.65 8.52 -14.61
C LYS B 353 -5.61 8.00 -15.68
N ILE B 354 -6.18 8.92 -16.45
CA ILE B 354 -7.12 8.56 -17.52
C ILE B 354 -6.33 8.47 -18.82
N TRP B 355 -5.98 7.25 -19.20
CA TRP B 355 -5.19 7.02 -20.40
C TRP B 355 -6.08 7.11 -21.64
N ASN B 356 -5.52 6.78 -22.80
CA ASN B 356 -6.27 6.83 -24.06
C ASN B 356 -5.66 5.90 -25.09
N ASN C 5 -18.88 -33.19 12.01
CA ASN C 5 -18.44 -33.71 10.72
C ASN C 5 -19.56 -33.61 9.68
N THR C 6 -20.78 -33.34 10.15
CA THR C 6 -21.91 -33.22 9.24
C THR C 6 -21.76 -32.02 8.31
N ALA C 7 -21.15 -30.94 8.79
CA ALA C 7 -20.93 -29.78 7.95
C ALA C 7 -19.98 -30.10 6.79
N SER C 8 -18.91 -30.85 7.09
CA SER C 8 -17.99 -31.26 6.02
C SER C 8 -18.68 -32.20 5.04
N ILE C 9 -19.55 -33.07 5.55
CA ILE C 9 -20.30 -33.98 4.66
C ILE C 9 -21.21 -33.18 3.73
N ALA C 10 -21.90 -32.17 4.28
CA ALA C 10 -22.77 -31.35 3.45
C ALA C 10 -21.97 -30.55 2.43
N GLN C 11 -20.80 -30.04 2.83
CA GLN C 11 -19.96 -29.29 1.90
C GLN C 11 -19.47 -30.20 0.77
N ALA C 12 -19.06 -31.42 1.09
CA ALA C 12 -18.65 -32.37 0.06
C ALA C 12 -19.81 -32.77 -0.83
N ARG C 13 -21.02 -32.85 -0.28
CA ARG C 13 -22.19 -33.16 -1.10
C ARG C 13 -22.47 -32.04 -2.08
N LYS C 14 -22.43 -30.79 -1.62
CA LYS C 14 -22.59 -29.66 -2.52
C LYS C 14 -21.50 -29.63 -3.58
N LEU C 15 -20.27 -29.97 -3.19
CA LEU C 15 -19.15 -29.96 -4.14
C LEU C 15 -19.35 -31.02 -5.22
N VAL C 16 -19.74 -32.24 -4.83
CA VAL C 16 -19.91 -33.29 -5.83
C VAL C 16 -21.15 -33.01 -6.68
N GLU C 17 -22.16 -32.35 -6.13
CA GLU C 17 -23.30 -31.94 -6.95
C GLU C 17 -22.90 -30.90 -7.99
N GLN C 18 -22.09 -29.91 -7.58
CA GLN C 18 -21.59 -28.93 -8.53
C GLN C 18 -20.72 -29.59 -9.59
N LEU C 19 -19.93 -30.59 -9.21
CA LEU C 19 -19.10 -31.29 -10.18
C LEU C 19 -19.96 -32.09 -11.16
N LYS C 20 -21.02 -32.73 -10.67
CA LYS C 20 -21.95 -33.42 -11.56
C LYS C 20 -22.61 -32.45 -12.53
N MET C 21 -23.03 -31.28 -12.04
CA MET C 21 -23.61 -30.27 -12.93
C MET C 21 -22.59 -29.78 -13.95
N GLU C 22 -21.32 -29.71 -13.56
CA GLU C 22 -20.27 -29.29 -14.49
C GLU C 22 -19.96 -30.36 -15.52
N ALA C 23 -20.21 -31.63 -15.19
CA ALA C 23 -19.86 -32.72 -16.09
C ALA C 23 -20.74 -32.73 -17.33
N ASN C 24 -22.05 -32.58 -17.14
CA ASN C 24 -23.01 -32.68 -18.24
C ASN C 24 -23.26 -31.31 -18.85
N ILE C 25 -22.21 -30.77 -19.48
CA ILE C 25 -22.29 -29.51 -20.21
C ILE C 25 -21.69 -29.73 -21.60
N ASP C 26 -22.08 -28.85 -22.53
CA ASP C 26 -21.61 -28.91 -23.91
C ASP C 26 -20.37 -28.06 -24.03
N ARG C 27 -19.21 -28.71 -24.18
CA ARG C 27 -17.93 -28.03 -24.32
C ARG C 27 -17.54 -27.99 -25.78
N ILE C 28 -17.39 -26.78 -26.33
CA ILE C 28 -16.96 -26.62 -27.71
C ILE C 28 -15.44 -26.73 -27.76
N LYS C 29 -14.89 -26.89 -28.97
CA LYS C 29 -13.45 -26.99 -29.13
C LYS C 29 -12.79 -25.66 -28.83
N VAL C 30 -11.57 -25.72 -28.28
CA VAL C 30 -10.82 -24.51 -27.98
C VAL C 30 -10.42 -23.80 -29.27
N SER C 31 -10.32 -24.53 -30.37
CA SER C 31 -10.03 -23.90 -31.66
C SER C 31 -11.16 -22.97 -32.07
N LYS C 32 -12.41 -23.43 -31.94
CA LYS C 32 -13.55 -22.57 -32.23
C LYS C 32 -13.65 -21.42 -31.23
N ALA C 33 -13.20 -21.63 -29.99
CA ALA C 33 -13.18 -20.54 -29.01
C ALA C 33 -12.22 -19.44 -29.45
N ALA C 34 -10.99 -19.82 -29.82
CA ALA C 34 -10.04 -18.84 -30.33
C ALA C 34 -10.53 -18.20 -31.62
N ALA C 35 -11.25 -18.97 -32.45
CA ALA C 35 -11.79 -18.41 -33.69
C ALA C 35 -12.83 -17.34 -33.40
N ASP C 36 -13.75 -17.61 -32.47
CA ASP C 36 -14.72 -16.60 -32.06
C ASP C 36 -14.03 -15.39 -31.47
N LEU C 37 -12.98 -15.61 -30.67
CA LEU C 37 -12.21 -14.52 -30.10
C LEU C 37 -11.65 -13.61 -31.19
N MET C 38 -10.88 -14.19 -32.12
CA MET C 38 -10.25 -13.38 -33.17
C MET C 38 -11.30 -12.78 -34.10
N ALA C 39 -12.44 -13.44 -34.28
CA ALA C 39 -13.50 -12.88 -35.10
C ALA C 39 -14.08 -11.63 -34.46
N TYR C 40 -14.35 -11.68 -33.15
CA TYR C 40 -14.82 -10.48 -32.46
C TYR C 40 -13.77 -9.37 -32.50
N CYS C 41 -12.49 -9.73 -32.34
CA CYS C 41 -11.44 -8.72 -32.43
C CYS C 41 -11.43 -8.04 -33.80
N GLU C 42 -11.38 -8.83 -34.88
CA GLU C 42 -11.35 -8.24 -36.21
C GLU C 42 -12.64 -7.54 -36.57
N ALA C 43 -13.75 -7.88 -35.91
CA ALA C 43 -15.00 -7.16 -36.16
C ALA C 43 -15.06 -5.84 -35.41
N HIS C 44 -14.37 -5.74 -34.27
CA HIS C 44 -14.35 -4.50 -33.49
C HIS C 44 -12.99 -3.83 -33.47
N ALA C 45 -12.08 -4.24 -34.36
CA ALA C 45 -10.73 -3.68 -34.36
C ALA C 45 -10.74 -2.23 -34.84
N LYS C 46 -11.28 -1.98 -36.02
CA LYS C 46 -11.28 -0.65 -36.60
C LYS C 46 -12.17 0.34 -35.86
N GLU C 47 -13.03 -0.14 -34.95
CA GLU C 47 -13.91 0.72 -34.18
C GLU C 47 -13.43 0.95 -32.74
N ASP C 48 -12.39 0.24 -32.31
CA ASP C 48 -11.90 0.40 -30.95
C ASP C 48 -11.02 1.64 -30.85
N PRO C 49 -11.36 2.61 -30.00
CA PRO C 49 -10.48 3.79 -29.84
C PRO C 49 -9.16 3.45 -29.16
N LEU C 50 -9.11 2.36 -28.38
CA LEU C 50 -7.87 2.00 -27.71
C LEU C 50 -6.93 1.25 -28.64
N LEU C 51 -7.47 0.42 -29.53
CA LEU C 51 -6.63 -0.34 -30.45
C LEU C 51 -5.95 0.58 -31.46
N THR C 52 -6.74 1.30 -32.26
CA THR C 52 -6.22 2.20 -33.27
C THR C 52 -6.02 3.61 -32.70
N PRO C 53 -5.03 4.35 -33.19
CA PRO C 53 -4.82 5.72 -32.70
C PRO C 53 -5.99 6.61 -33.09
N VAL C 54 -6.61 7.22 -32.09
CA VAL C 54 -7.77 8.10 -32.31
C VAL C 54 -7.27 9.54 -32.44
N PRO C 55 -7.73 10.28 -33.44
CA PRO C 55 -7.29 11.68 -33.59
C PRO C 55 -7.76 12.53 -32.42
N ALA C 56 -7.08 13.66 -32.23
CA ALA C 56 -7.38 14.54 -31.12
C ALA C 56 -8.75 15.20 -31.25
N SER C 57 -9.19 15.46 -32.49
CA SER C 57 -10.49 16.11 -32.68
C SER C 57 -11.64 15.18 -32.30
N GLU C 58 -11.56 13.92 -32.74
CA GLU C 58 -12.61 12.94 -32.43
C GLU C 58 -12.51 12.40 -31.01
N ASN C 59 -11.40 12.63 -30.31
CA ASN C 59 -11.23 12.14 -28.95
C ASN C 59 -11.59 13.23 -27.95
N PRO C 60 -12.48 12.97 -27.00
CA PRO C 60 -12.88 14.00 -26.04
C PRO C 60 -11.93 14.18 -24.86
N PHE C 61 -10.71 13.65 -24.94
CA PHE C 61 -9.75 13.77 -23.85
C PHE C 61 -8.48 14.52 -24.23
N ARG C 62 -8.24 14.75 -25.51
CA ARG C 62 -7.04 15.47 -25.95
C ARG C 62 -7.29 16.97 -26.02
N GLN D 23 -6.16 -27.31 -11.67
CA GLN D 23 -6.58 -27.37 -10.28
C GLN D 23 -5.38 -27.41 -9.33
N VAL D 24 -5.37 -26.50 -8.36
CA VAL D 24 -4.33 -26.48 -7.34
C VAL D 24 -4.64 -27.63 -6.37
N GLN D 25 -3.95 -28.75 -6.55
CA GLN D 25 -4.14 -29.92 -5.72
C GLN D 25 -2.87 -30.25 -4.97
N LEU D 26 -3.02 -30.70 -3.72
CA LEU D 26 -1.90 -31.07 -2.87
C LEU D 26 -2.23 -32.39 -2.21
N GLN D 27 -1.55 -33.45 -2.64
CA GLN D 27 -1.75 -34.79 -2.09
C GLN D 27 -0.63 -35.11 -1.12
N GLU D 28 -0.96 -35.30 0.15
CA GLU D 28 0.01 -35.58 1.20
C GLU D 28 -0.02 -37.07 1.50
N SER D 29 0.91 -37.81 0.89
CA SER D 29 1.05 -39.23 1.18
C SER D 29 1.83 -39.44 2.47
N GLY D 30 1.47 -40.51 3.18
CA GLY D 30 2.09 -40.87 4.45
C GLY D 30 1.07 -40.94 5.56
N GLY D 31 1.58 -40.94 6.78
CA GLY D 31 0.73 -40.94 7.96
C GLY D 31 0.22 -42.33 8.31
N GLY D 32 -0.33 -42.44 9.52
CA GLY D 32 -0.85 -43.68 10.02
C GLY D 32 -0.63 -43.76 11.53
N LEU D 33 -0.51 -44.99 12.02
CA LEU D 33 -0.24 -45.23 13.44
C LEU D 33 1.24 -45.06 13.72
N VAL D 34 1.57 -44.32 14.78
CA VAL D 34 2.94 -44.00 15.13
C VAL D 34 3.17 -44.36 16.59
N GLN D 35 4.31 -44.96 16.89
CA GLN D 35 4.69 -45.20 18.28
C GLN D 35 5.28 -43.92 18.87
N PRO D 36 5.05 -43.66 20.15
CA PRO D 36 5.58 -42.43 20.77
C PRO D 36 7.11 -42.44 20.78
N GLY D 37 7.69 -41.50 20.05
CA GLY D 37 9.14 -41.39 19.95
C GLY D 37 9.75 -41.95 18.68
N GLY D 38 8.93 -42.39 17.72
CA GLY D 38 9.42 -42.96 16.48
C GLY D 38 9.76 -41.90 15.45
N SER D 39 9.61 -42.27 14.18
CA SER D 39 9.89 -41.37 13.07
C SER D 39 8.82 -41.53 12.01
N LEU D 40 8.54 -40.43 11.29
CA LEU D 40 7.51 -40.43 10.27
C LEU D 40 7.92 -39.46 9.17
N ARG D 41 7.41 -39.70 7.96
CA ARG D 41 7.71 -38.87 6.80
C ARG D 41 6.43 -38.69 5.99
N LEU D 42 6.04 -37.43 5.77
CA LEU D 42 4.95 -37.10 4.86
C LEU D 42 5.51 -36.44 3.61
N SER D 43 5.01 -36.88 2.45
CA SER D 43 5.43 -36.34 1.15
C SER D 43 4.22 -35.65 0.52
N CYS D 44 4.29 -34.33 0.41
CA CYS D 44 3.22 -33.52 -0.16
C CYS D 44 3.58 -33.20 -1.61
N ALA D 45 2.89 -33.84 -2.55
CA ALA D 45 3.03 -33.54 -3.96
C ALA D 45 1.99 -32.49 -4.34
N ALA D 46 2.44 -31.33 -4.78
CA ALA D 46 1.59 -30.20 -5.12
C ALA D 46 1.63 -30.00 -6.63
N SER D 47 0.51 -30.24 -7.29
CA SER D 47 0.41 -30.06 -8.74
C SER D 47 -0.66 -29.01 -9.05
N GLY D 48 -0.45 -28.29 -10.14
CA GLY D 48 -1.34 -27.24 -10.57
C GLY D 48 -0.76 -25.85 -10.53
N PHE D 49 0.49 -25.69 -10.10
CA PHE D 49 1.13 -24.38 -10.04
C PHE D 49 2.64 -24.57 -10.08
N THR D 50 3.37 -23.47 -9.97
CA THR D 50 4.83 -23.48 -9.95
C THR D 50 5.29 -23.61 -8.50
N PHE D 51 5.62 -24.85 -8.11
CA PHE D 51 6.02 -25.12 -6.73
C PHE D 51 7.27 -24.36 -6.32
N SER D 52 8.12 -23.98 -7.27
CA SER D 52 9.38 -23.31 -6.97
C SER D 52 9.22 -21.81 -6.74
N ASN D 53 8.01 -21.34 -6.44
CA ASN D 53 7.76 -19.91 -6.35
C ASN D 53 6.95 -19.48 -5.14
N TYR D 54 6.40 -20.41 -4.36
CA TYR D 54 5.54 -20.07 -3.23
C TYR D 54 6.17 -20.55 -1.92
N LYS D 55 5.60 -20.05 -0.83
CA LYS D 55 6.05 -20.41 0.52
C LYS D 55 5.07 -21.46 1.07
N MET D 56 5.39 -22.72 0.79
CA MET D 56 4.59 -23.83 1.29
C MET D 56 4.75 -23.97 2.80
N ASN D 57 3.76 -24.56 3.45
CA ASN D 57 3.80 -24.66 4.90
C ASN D 57 2.91 -25.80 5.38
N TRP D 58 3.39 -26.50 6.41
CA TRP D 58 2.61 -27.54 7.06
C TRP D 58 1.94 -26.97 8.31
N VAL D 59 0.67 -27.30 8.49
CA VAL D 59 -0.13 -26.84 9.63
C VAL D 59 -0.92 -28.02 10.18
N ARG D 60 -0.89 -28.18 11.50
CA ARG D 60 -1.60 -29.28 12.12
C ARG D 60 -2.89 -28.78 12.80
N GLN D 61 -3.82 -29.71 12.98
CA GLN D 61 -5.08 -29.43 13.66
C GLN D 61 -5.40 -30.60 14.57
N ALA D 62 -5.48 -30.35 15.87
CA ALA D 62 -5.76 -31.42 16.82
C ALA D 62 -7.25 -31.67 16.89
N PRO D 63 -7.67 -32.94 17.09
CA PRO D 63 -9.10 -33.24 17.19
C PRO D 63 -9.72 -32.55 18.40
N GLY D 64 -10.64 -31.64 18.14
CA GLY D 64 -11.29 -30.86 19.18
C GLY D 64 -10.75 -29.46 19.35
N LYS D 65 -9.65 -29.12 18.69
CA LYS D 65 -9.04 -27.81 18.78
C LYS D 65 -8.80 -27.25 17.39
N GLY D 66 -8.49 -25.96 17.33
CA GLY D 66 -8.27 -25.29 16.07
C GLY D 66 -6.96 -25.71 15.43
N LEU D 67 -6.69 -25.11 14.27
CA LEU D 67 -5.48 -25.41 13.53
C LEU D 67 -4.26 -24.78 14.20
N GLU D 68 -3.12 -25.45 14.05
CA GLU D 68 -1.85 -24.99 14.63
C GLU D 68 -0.80 -24.95 13.54
N TRP D 69 -0.19 -23.78 13.36
CA TRP D 69 0.88 -23.65 12.39
C TRP D 69 2.10 -24.44 12.83
N VAL D 70 2.57 -25.34 11.98
CA VAL D 70 3.69 -26.21 12.32
C VAL D 70 4.99 -25.63 11.79
N SER D 71 5.09 -25.49 10.47
CA SER D 71 6.34 -25.04 9.89
C SER D 71 6.08 -24.46 8.50
N ASP D 72 7.08 -23.71 8.01
CA ASP D 72 7.05 -23.15 6.68
C ASP D 72 8.45 -23.18 6.09
N ILE D 73 8.53 -23.02 4.77
CA ILE D 73 9.81 -23.01 4.07
C ILE D 73 9.74 -21.96 2.96
N SER D 74 10.90 -21.35 2.68
CA SER D 74 10.96 -20.28 1.69
C SER D 74 10.77 -20.84 0.28
N GLN D 75 10.86 -19.94 -0.70
CA GLN D 75 10.71 -20.34 -2.10
C GLN D 75 11.83 -21.26 -2.54
N SER D 76 13.02 -21.14 -1.93
CA SER D 76 14.15 -22.00 -2.24
C SER D 76 14.55 -22.91 -1.09
N GLY D 77 14.32 -22.48 0.15
CA GLY D 77 14.68 -23.29 1.30
C GLY D 77 15.63 -22.58 2.24
N ALA D 78 15.71 -21.26 2.12
CA ALA D 78 16.62 -20.48 2.96
C ALA D 78 16.01 -20.19 4.32
N SER D 79 14.88 -19.48 4.34
CA SER D 79 14.23 -19.08 5.60
C SER D 79 13.31 -20.20 6.06
N ILE D 80 13.90 -21.20 6.70
CA ILE D 80 13.16 -22.32 7.26
C ILE D 80 12.81 -22.00 8.71
N SER D 81 11.55 -22.18 9.08
CA SER D 81 11.08 -21.88 10.42
C SER D 81 10.06 -22.93 10.85
N TYR D 82 10.11 -23.29 12.13
CA TYR D 82 9.20 -24.25 12.73
C TYR D 82 8.48 -23.62 13.91
N THR D 83 7.45 -24.31 14.38
CA THR D 83 6.75 -23.88 15.58
C THR D 83 7.55 -24.30 16.82
N GLY D 84 7.18 -23.71 17.97
CA GLY D 84 7.88 -24.04 19.21
C GLY D 84 7.64 -25.46 19.67
N SER D 85 6.56 -26.09 19.20
CA SER D 85 6.26 -27.45 19.60
C SER D 85 7.09 -28.49 18.86
N VAL D 86 7.57 -28.17 17.66
CA VAL D 86 8.35 -29.10 16.85
C VAL D 86 9.74 -28.58 16.53
N LYS D 87 10.12 -27.41 17.04
CA LYS D 87 11.44 -26.84 16.77
C LYS D 87 12.55 -27.76 17.23
N GLY D 88 13.33 -28.29 16.28
CA GLY D 88 14.40 -29.22 16.55
C GLY D 88 14.06 -30.66 16.24
N ARG D 89 12.78 -31.00 16.16
CA ARG D 89 12.35 -32.36 15.86
C ARG D 89 11.95 -32.53 14.41
N PHE D 90 11.02 -31.69 13.92
CA PHE D 90 10.56 -31.79 12.55
C PHE D 90 11.61 -31.23 11.59
N THR D 91 11.48 -31.60 10.32
CA THR D 91 12.38 -31.11 9.28
C THR D 91 11.60 -31.02 7.98
N ILE D 92 11.51 -29.81 7.43
CA ILE D 92 10.78 -29.56 6.19
C ILE D 92 11.79 -29.26 5.08
N SER D 93 11.58 -29.86 3.91
CA SER D 93 12.48 -29.66 2.79
C SER D 93 11.67 -29.66 1.50
N ARG D 94 11.90 -28.66 0.65
CA ARG D 94 11.23 -28.56 -0.64
C ARG D 94 12.17 -29.01 -1.75
N ASP D 95 11.60 -29.74 -2.72
CA ASP D 95 12.33 -30.18 -3.90
C ASP D 95 11.60 -29.66 -5.13
N ASN D 96 12.29 -28.82 -5.90
CA ASN D 96 11.70 -28.21 -7.09
C ASN D 96 11.82 -29.10 -8.33
N ALA D 97 12.79 -30.01 -8.35
CA ALA D 97 12.91 -30.93 -9.48
C ALA D 97 11.75 -31.92 -9.52
N LYS D 98 11.06 -32.13 -8.41
CA LYS D 98 9.90 -33.01 -8.35
C LYS D 98 8.65 -32.30 -7.83
N ASN D 99 8.77 -31.04 -7.41
CA ASN D 99 7.65 -30.27 -6.87
C ASN D 99 7.02 -30.99 -5.67
N THR D 100 7.87 -31.24 -4.66
CA THR D 100 7.45 -32.00 -3.49
C THR D 100 7.91 -31.31 -2.22
N LEU D 101 7.17 -31.56 -1.14
CA LEU D 101 7.50 -31.05 0.19
C LEU D 101 7.57 -32.22 1.15
N TYR D 102 8.76 -32.49 1.69
CA TYR D 102 8.98 -33.61 2.59
C TYR D 102 9.08 -33.10 4.02
N LEU D 103 8.25 -33.64 4.90
CA LEU D 103 8.27 -33.28 6.32
C LEU D 103 8.57 -34.53 7.15
N GLN D 104 9.62 -34.46 7.95
CA GLN D 104 10.07 -35.57 8.78
C GLN D 104 9.81 -35.25 10.25
N MET D 105 9.02 -36.08 10.91
CA MET D 105 8.78 -36.00 12.34
C MET D 105 9.69 -36.99 13.06
N ASN D 106 10.37 -36.50 14.10
CA ASN D 106 11.22 -37.32 14.95
C ASN D 106 10.83 -37.10 16.41
N SER D 107 10.93 -38.17 17.20
CA SER D 107 10.60 -38.14 18.63
C SER D 107 9.15 -37.69 18.85
N LEU D 108 8.24 -38.52 18.35
CA LEU D 108 6.82 -38.22 18.41
C LEU D 108 6.35 -38.14 19.86
N LYS D 109 5.32 -37.32 20.09
CA LYS D 109 4.72 -37.13 21.39
C LYS D 109 3.21 -37.34 21.29
N PRO D 110 2.56 -37.71 22.40
CA PRO D 110 1.10 -37.89 22.37
C PRO D 110 0.32 -36.64 21.99
N GLU D 111 0.96 -35.47 21.98
CA GLU D 111 0.29 -34.24 21.57
C GLU D 111 0.41 -33.99 20.08
N ASP D 112 1.41 -34.57 19.42
CA ASP D 112 1.62 -34.34 18.00
C ASP D 112 0.59 -35.05 17.13
N THR D 113 -0.23 -35.93 17.70
CA THR D 113 -1.29 -36.58 16.93
C THR D 113 -2.32 -35.54 16.49
N ALA D 114 -2.56 -35.47 15.18
CA ALA D 114 -3.41 -34.43 14.61
C ALA D 114 -3.58 -34.68 13.13
N VAL D 115 -4.43 -33.87 12.50
CA VAL D 115 -4.59 -33.88 11.05
C VAL D 115 -3.65 -32.82 10.48
N TYR D 116 -2.73 -33.26 9.62
CA TYR D 116 -1.74 -32.37 9.02
C TYR D 116 -2.18 -31.96 7.64
N TYR D 117 -2.04 -30.66 7.35
CA TYR D 117 -2.39 -30.08 6.05
C TYR D 117 -1.15 -29.43 5.47
N CYS D 118 -0.88 -29.74 4.19
CA CYS D 118 0.22 -29.12 3.45
C CYS D 118 -0.38 -28.00 2.61
N ALA D 119 -0.40 -26.79 3.18
CA ALA D 119 -1.03 -25.65 2.55
C ALA D 119 0.00 -24.77 1.85
N ARG D 120 -0.51 -23.84 1.05
CA ARG D 120 0.31 -22.93 0.27
C ARG D 120 -0.22 -21.51 0.44
N CYS D 121 0.66 -20.58 0.77
CA CYS D 121 0.05 -19.26 0.79
C CYS D 121 0.18 -18.59 -0.57
N PRO D 122 -0.88 -17.89 -1.01
CA PRO D 122 -0.98 -17.54 -2.43
C PRO D 122 0.10 -16.59 -2.93
N ALA D 123 0.52 -15.64 -2.11
CA ALA D 123 1.45 -14.62 -2.59
C ALA D 123 2.80 -15.23 -2.94
N PRO D 124 3.31 -15.01 -4.15
CA PRO D 124 4.65 -15.49 -4.50
C PRO D 124 5.72 -14.41 -4.30
N PHE D 125 6.97 -14.85 -4.37
CA PHE D 125 8.14 -13.97 -4.22
C PHE D 125 8.09 -13.18 -2.92
N THR D 126 7.48 -13.75 -1.88
CA THR D 126 7.18 -13.02 -0.66
C THR D 126 7.62 -13.85 0.55
N ARG D 127 7.36 -13.30 1.74
CA ARG D 127 7.62 -13.99 2.99
C ARG D 127 6.41 -14.04 3.91
N ASP D 128 5.27 -13.51 3.51
CA ASP D 128 4.06 -13.52 4.33
C ASP D 128 3.15 -14.66 3.90
N CYS D 129 2.43 -15.24 4.87
CA CYS D 129 1.45 -16.27 4.57
C CYS D 129 0.31 -16.17 5.57
N PHE D 130 -0.91 -16.32 5.07
CA PHE D 130 -2.12 -16.25 5.89
C PHE D 130 -2.90 -17.56 5.82
N ASP D 131 -2.19 -18.69 5.92
CA ASP D 131 -2.80 -20.00 5.85
C ASP D 131 -3.00 -20.63 7.23
N VAL D 132 -2.82 -19.85 8.31
CA VAL D 132 -3.04 -20.36 9.65
C VAL D 132 -4.52 -20.35 10.03
N THR D 133 -5.40 -20.00 9.10
CA THR D 133 -6.82 -19.88 9.40
C THR D 133 -7.44 -21.26 9.60
N SER D 134 -8.75 -21.27 9.81
CA SER D 134 -9.49 -22.50 10.07
C SER D 134 -9.76 -23.23 8.76
N THR D 135 -10.66 -24.21 8.80
CA THR D 135 -10.97 -25.04 7.64
C THR D 135 -11.58 -24.24 6.50
N THR D 136 -11.86 -24.91 5.38
CA THR D 136 -12.37 -24.28 4.16
C THR D 136 -11.36 -23.26 3.63
N TYR D 137 -10.11 -23.68 3.51
CA TYR D 137 -9.05 -22.86 2.98
C TYR D 137 -8.91 -23.08 1.47
N ALA D 138 -8.39 -22.08 0.79
CA ALA D 138 -8.27 -22.13 -0.67
C ALA D 138 -7.36 -23.27 -1.11
N TYR D 139 -6.09 -23.22 -0.71
CA TYR D 139 -5.08 -24.19 -1.12
C TYR D 139 -4.66 -24.99 0.11
N ARG D 140 -5.39 -26.07 0.38
CA ARG D 140 -5.13 -26.91 1.54
C ARG D 140 -5.71 -28.29 1.28
N GLY D 141 -4.87 -29.31 1.31
CA GLY D 141 -5.33 -30.67 1.08
C GLY D 141 -6.20 -31.18 2.21
N GLN D 142 -6.67 -32.42 2.05
CA GLN D 142 -7.52 -33.03 3.05
C GLN D 142 -6.76 -33.35 4.33
N GLY D 143 -5.44 -33.51 4.25
CA GLY D 143 -4.63 -33.75 5.43
C GLY D 143 -4.52 -35.24 5.77
N THR D 144 -3.53 -35.55 6.59
CA THR D 144 -3.30 -36.92 7.05
C THR D 144 -3.52 -36.97 8.56
N GLN D 145 -4.25 -37.98 9.02
CA GLN D 145 -4.51 -38.16 10.44
C GLN D 145 -3.33 -38.91 11.05
N VAL D 146 -2.31 -38.15 11.46
CA VAL D 146 -1.15 -38.72 12.13
C VAL D 146 -1.56 -39.08 13.55
N THR D 147 -1.72 -40.37 13.81
CA THR D 147 -2.17 -40.89 15.10
C THR D 147 -0.99 -41.47 15.85
N VAL D 148 -0.81 -41.04 17.10
CA VAL D 148 0.25 -41.53 17.97
C VAL D 148 -0.34 -42.66 18.83
N SER D 149 0.22 -43.85 18.70
CA SER D 149 -0.27 -45.01 19.43
C SER D 149 0.26 -44.99 20.85
N SER D 150 0.04 -46.07 21.60
CA SER D 150 0.49 -46.16 22.98
C SER D 150 1.69 -47.07 23.10
N PHE E 27 43.38 36.54 -19.55
CA PHE E 27 42.67 35.68 -20.50
C PHE E 27 43.34 34.32 -20.60
N SER E 28 44.33 34.08 -19.76
CA SER E 28 45.08 32.82 -19.73
C SER E 28 44.89 32.03 -18.45
N VAL E 29 44.78 32.71 -17.31
CA VAL E 29 44.61 32.04 -16.02
C VAL E 29 43.16 32.20 -15.57
N ARG E 30 42.54 33.32 -15.94
CA ARG E 30 41.17 33.57 -15.54
C ARG E 30 40.17 32.70 -16.30
N ILE E 31 40.60 32.08 -17.40
CA ILE E 31 39.70 31.21 -18.14
C ILE E 31 39.35 29.96 -17.33
N LEU E 32 40.28 29.51 -16.47
CA LEU E 32 40.01 28.33 -15.65
C LEU E 32 38.90 28.60 -14.65
N THR E 33 39.03 29.67 -13.86
CA THR E 33 37.97 30.02 -12.92
C THR E 33 36.70 30.43 -13.65
N ALA E 34 36.82 30.99 -14.86
CA ALA E 34 35.64 31.27 -15.66
C ALA E 34 34.86 30.00 -15.97
N CYS E 35 35.57 28.96 -16.45
CA CYS E 35 34.93 27.69 -16.72
C CYS E 35 34.36 27.07 -15.45
N PHE E 36 35.08 27.21 -14.33
CA PHE E 36 34.61 26.65 -13.07
C PHE E 36 33.29 27.30 -12.64
N LEU E 37 33.23 28.64 -12.69
CA LEU E 37 32.01 29.32 -12.28
C LEU E 37 30.86 29.09 -13.26
N SER E 38 31.17 28.95 -14.56
CA SER E 38 30.11 28.63 -15.51
C SER E 38 29.55 27.24 -15.25
N LEU E 39 30.43 26.27 -14.95
CA LEU E 39 29.95 24.94 -14.58
C LEU E 39 29.11 25.00 -13.31
N LEU E 40 29.52 25.85 -12.35
CA LEU E 40 28.77 25.96 -11.11
C LEU E 40 27.37 26.52 -11.35
N ILE E 41 27.26 27.60 -12.12
CA ILE E 41 25.94 28.19 -12.36
C ILE E 41 25.09 27.26 -13.21
N LEU E 42 25.69 26.54 -14.15
CA LEU E 42 24.93 25.57 -14.93
C LEU E 42 24.43 24.42 -14.08
N SER E 43 25.24 23.99 -13.10
CA SER E 43 24.79 22.94 -12.20
C SER E 43 23.64 23.41 -11.32
N THR E 44 23.73 24.64 -10.82
CA THR E 44 22.61 25.21 -10.06
C THR E 44 21.35 25.22 -10.91
N LEU E 45 21.44 25.76 -12.13
CA LEU E 45 20.29 25.84 -13.01
C LEU E 45 19.71 24.46 -13.30
N LEU E 46 20.57 23.49 -13.60
CA LEU E 46 20.10 22.15 -13.92
C LEU E 46 19.39 21.51 -12.73
N GLY E 47 20.01 21.55 -11.55
CA GLY E 47 19.40 20.95 -10.39
C GLY E 47 18.07 21.59 -10.02
N ASN E 48 18.01 22.93 -10.07
CA ASN E 48 16.80 23.61 -9.66
C ASN E 48 15.68 23.42 -10.68
N THR E 49 16.02 23.43 -11.97
CA THR E 49 15.02 23.12 -13.00
C THR E 49 14.53 21.68 -12.88
N LEU E 50 15.42 20.76 -12.48
CA LEU E 50 15.01 19.38 -12.29
C LEU E 50 14.03 19.26 -11.12
N VAL E 51 14.32 19.95 -10.01
CA VAL E 51 13.39 19.93 -8.88
C VAL E 51 12.05 20.55 -9.27
N CYS E 52 12.09 21.67 -9.99
CA CYS E 52 10.85 22.33 -10.40
C CYS E 52 10.03 21.45 -11.34
N ALA E 53 10.70 20.75 -12.27
CA ALA E 53 9.99 19.87 -13.18
C ALA E 53 9.43 18.65 -12.45
N ALA E 54 10.15 18.14 -11.45
CA ALA E 54 9.64 17.03 -10.67
C ALA E 54 8.44 17.47 -9.81
N VAL E 55 8.40 18.74 -9.41
CA VAL E 55 7.27 19.22 -8.61
C VAL E 55 6.05 19.57 -9.46
N ILE E 56 6.23 20.27 -10.58
CA ILE E 56 5.08 20.72 -11.36
C ILE E 56 4.45 19.58 -12.16
N ARG E 57 5.19 18.51 -12.44
CA ARG E 57 4.67 17.39 -13.21
C ARG E 57 4.20 16.24 -12.32
N PHE E 58 4.99 15.86 -11.32
CA PHE E 58 4.63 14.81 -10.39
C PHE E 58 4.00 15.43 -9.15
N ARG E 59 2.71 15.18 -8.95
CA ARG E 59 1.98 15.74 -7.82
C ARG E 59 2.17 14.94 -6.53
N HIS E 60 2.92 13.84 -6.58
CA HIS E 60 3.23 13.09 -5.36
C HIS E 60 4.25 13.79 -4.48
N LEU E 61 4.71 14.97 -4.87
CA LEU E 61 5.66 15.75 -4.08
C LEU E 61 5.08 17.06 -3.56
N ARG E 62 4.34 17.80 -4.38
CA ARG E 62 3.74 19.07 -3.97
C ARG E 62 2.40 18.87 -3.28
N SER E 63 2.11 17.67 -2.80
CA SER E 63 0.89 17.40 -2.05
C SER E 63 1.11 17.37 -0.54
N LYS E 64 2.31 17.01 -0.08
CA LYS E 64 2.61 17.02 1.34
C LYS E 64 3.04 18.42 1.78
N VAL E 65 2.69 18.78 3.00
CA VAL E 65 2.97 20.14 3.49
C VAL E 65 4.48 20.34 3.65
N THR E 66 5.20 19.29 4.07
CA THR E 66 6.62 19.44 4.34
C THR E 66 7.46 19.69 3.09
N ASN E 67 6.90 19.49 1.90
CA ASN E 67 7.63 19.75 0.67
C ASN E 67 7.32 21.12 0.08
N PHE E 68 6.36 21.86 0.63
CA PHE E 68 6.12 23.22 0.18
C PHE E 68 7.33 24.10 0.46
N PHE E 69 7.91 23.98 1.65
CA PHE E 69 9.12 24.74 1.94
C PHE E 69 10.30 24.26 1.09
N VAL E 70 10.33 22.97 0.74
CA VAL E 70 11.39 22.46 -0.12
C VAL E 70 11.28 23.08 -1.51
N ILE E 71 10.07 23.13 -2.07
CA ILE E 71 9.91 23.72 -3.39
C ILE E 71 10.07 25.24 -3.34
N SER E 72 9.81 25.85 -2.19
CA SER E 72 10.11 27.27 -2.04
C SER E 72 11.62 27.51 -2.07
N LEU E 73 12.38 26.68 -1.34
CA LEU E 73 13.83 26.75 -1.43
C LEU E 73 14.31 26.50 -2.85
N ALA E 74 13.66 25.58 -3.56
CA ALA E 74 14.07 25.26 -4.93
C ALA E 74 13.79 26.42 -5.88
N VAL E 75 12.65 27.09 -5.74
CA VAL E 75 12.36 28.20 -6.63
C VAL E 75 13.23 29.41 -6.29
N SER E 76 13.58 29.59 -5.01
CA SER E 76 14.55 30.62 -4.67
C SER E 76 15.92 30.28 -5.25
N ASP E 77 16.27 28.99 -5.27
CA ASP E 77 17.54 28.57 -5.85
C ASP E 77 17.55 28.74 -7.37
N LEU E 78 16.40 28.62 -8.01
CA LEU E 78 16.31 28.94 -9.42
C LEU E 78 16.43 30.44 -9.65
N LEU E 79 15.78 31.24 -8.81
CA LEU E 79 15.80 32.69 -8.99
C LEU E 79 17.18 33.27 -8.71
N VAL E 80 17.95 32.65 -7.82
CA VAL E 80 19.33 33.10 -7.57
C VAL E 80 20.27 32.66 -8.69
N ALA E 81 19.83 31.77 -9.57
CA ALA E 81 20.64 31.28 -10.67
C ALA E 81 20.29 31.94 -12.00
N VAL E 82 19.37 32.88 -12.01
CA VAL E 82 18.97 33.56 -13.24
C VAL E 82 19.39 35.03 -13.20
N LEU E 83 19.34 35.66 -12.02
CA LEU E 83 19.63 37.07 -11.91
C LEU E 83 20.65 37.42 -10.83
N VAL E 84 21.36 36.44 -10.26
CA VAL E 84 22.31 36.73 -9.20
C VAL E 84 23.71 36.23 -9.54
N MET E 85 23.86 34.91 -9.72
CA MET E 85 25.18 34.35 -9.96
C MET E 85 25.68 34.52 -11.40
N PRO E 86 24.83 34.40 -12.43
CA PRO E 86 25.33 34.68 -13.79
C PRO E 86 25.93 36.06 -13.97
N TRP E 87 25.32 37.09 -13.40
CA TRP E 87 25.86 38.44 -13.53
C TRP E 87 27.15 38.63 -12.75
N LYS E 88 27.23 38.08 -11.53
CA LYS E 88 28.49 38.12 -10.79
C LYS E 88 29.59 37.40 -11.54
N ALA E 89 29.27 36.27 -12.19
CA ALA E 89 30.27 35.54 -12.95
C ALA E 89 30.72 36.34 -14.18
N VAL E 90 29.77 36.91 -14.92
CA VAL E 90 30.13 37.68 -16.11
C VAL E 90 30.87 38.95 -15.72
N ALA E 91 30.71 39.42 -14.48
CA ALA E 91 31.51 40.56 -14.02
C ALA E 91 32.90 40.13 -13.57
N GLU E 92 33.01 38.94 -12.99
CA GLU E 92 34.30 38.48 -12.48
C GLU E 92 35.19 37.89 -13.56
N ILE E 93 34.64 37.44 -14.68
CA ILE E 93 35.48 36.81 -15.71
C ILE E 93 36.33 37.86 -16.43
N ALA E 94 35.77 39.05 -16.64
CA ALA E 94 36.47 40.10 -17.37
C ALA E 94 36.92 41.25 -16.48
N GLY E 95 36.52 41.27 -15.21
CA GLY E 95 36.88 42.34 -14.30
C GLY E 95 35.98 43.55 -14.35
N PHE E 96 35.38 43.83 -15.50
CA PHE E 96 34.47 44.95 -15.66
C PHE E 96 33.08 44.57 -15.14
N TRP E 97 32.13 45.48 -15.31
CA TRP E 97 30.76 45.24 -14.85
C TRP E 97 29.77 46.06 -15.67
N PRO E 98 28.93 45.42 -16.46
CA PRO E 98 27.92 46.15 -17.25
C PRO E 98 26.75 46.53 -16.36
N PHE E 99 25.80 47.25 -16.96
CA PHE E 99 24.60 47.73 -16.27
C PHE E 99 24.97 48.57 -15.06
N GLY E 100 25.63 49.70 -15.32
CA GLY E 100 26.07 50.56 -14.24
C GLY E 100 24.91 51.12 -13.44
N SER E 101 23.83 51.51 -14.12
CA SER E 101 22.66 52.03 -13.42
C SER E 101 21.88 50.92 -12.73
N PHE E 102 21.95 49.70 -13.24
CA PHE E 102 21.23 48.57 -12.67
C PHE E 102 22.04 47.83 -11.61
N CYS E 103 23.19 48.38 -11.21
CA CYS E 103 24.01 47.71 -10.19
C CYS E 103 23.31 47.69 -8.84
N ASN E 104 22.57 48.77 -8.51
CA ASN E 104 21.86 48.82 -7.24
C ASN E 104 20.77 47.76 -7.19
N ILE E 105 19.97 47.65 -8.26
CA ILE E 105 18.91 46.65 -8.28
C ILE E 105 19.50 45.25 -8.36
N TRP E 106 20.68 45.09 -8.97
CA TRP E 106 21.32 43.79 -8.98
C TRP E 106 21.76 43.38 -7.58
N VAL E 107 22.38 44.30 -6.84
CA VAL E 107 22.77 44.02 -5.46
C VAL E 107 21.55 43.72 -4.61
N ALA E 108 20.45 44.45 -4.84
CA ALA E 108 19.21 44.15 -4.15
C ALA E 108 18.74 42.74 -4.45
N PHE E 109 18.83 42.32 -5.72
CA PHE E 109 18.44 40.96 -6.10
C PHE E 109 19.33 39.93 -5.41
N ASP E 110 20.63 40.20 -5.32
CA ASP E 110 21.52 39.26 -4.65
C ASP E 110 21.15 39.11 -3.18
N ILE E 111 20.95 40.23 -2.49
CA ILE E 111 20.56 40.16 -1.08
C ILE E 111 19.25 39.42 -0.92
N MET E 112 18.27 39.74 -1.78
CA MET E 112 16.95 39.12 -1.69
C MET E 112 17.07 37.60 -1.86
N CYS E 113 17.78 37.16 -2.90
CA CYS E 113 17.89 35.73 -3.17
C CYS E 113 18.63 35.01 -2.05
N SER E 114 19.72 35.60 -1.54
CA SER E 114 20.48 34.96 -0.49
C SER E 114 19.67 34.84 0.80
N THR E 115 19.03 35.94 1.21
CA THR E 115 18.23 35.88 2.44
C THR E 115 17.00 35.00 2.27
N ALA E 116 16.46 34.89 1.05
CA ALA E 116 15.35 33.98 0.81
C ALA E 116 15.79 32.54 0.92
N SER E 117 16.98 32.22 0.39
CA SER E 117 17.51 30.86 0.54
C SER E 117 17.75 30.53 2.01
N ILE E 118 18.32 31.48 2.77
CA ILE E 118 18.58 31.23 4.18
C ILE E 118 17.28 31.07 4.96
N LEU E 119 16.28 31.90 4.65
CA LEU E 119 14.99 31.79 5.33
C LEU E 119 14.28 30.49 4.96
N ASN E 120 14.46 30.01 3.72
CA ASN E 120 13.88 28.73 3.34
C ASN E 120 14.56 27.58 4.08
N LEU E 121 15.89 27.64 4.22
CA LEU E 121 16.59 26.66 5.02
C LEU E 121 16.08 26.67 6.47
N CYS E 122 15.91 27.86 7.04
CA CYS E 122 15.44 27.97 8.41
C CYS E 122 14.02 27.45 8.57
N VAL E 123 13.15 27.73 7.59
CA VAL E 123 11.77 27.28 7.71
C VAL E 123 11.68 25.77 7.51
N ILE E 124 12.52 25.20 6.64
CA ILE E 124 12.58 23.74 6.54
C ILE E 124 13.05 23.14 7.85
N SER E 125 14.06 23.76 8.48
CA SER E 125 14.56 23.24 9.75
C SER E 125 13.48 23.28 10.84
N VAL E 126 12.76 24.40 10.93
CA VAL E 126 11.77 24.51 12.00
C VAL E 126 10.56 23.63 11.70
N ASP E 127 10.22 23.43 10.43
CA ASP E 127 9.15 22.50 10.10
C ASP E 127 9.52 21.07 10.43
N ARG E 128 10.77 20.68 10.15
CA ARG E 128 11.22 19.35 10.55
C ARG E 128 11.23 19.20 12.06
N TYR E 129 11.61 20.26 12.78
CA TYR E 129 11.60 20.22 14.24
C TYR E 129 10.19 20.06 14.77
N TRP E 130 9.22 20.75 14.16
CA TRP E 130 7.84 20.62 14.59
C TRP E 130 7.28 19.25 14.25
N ALA E 131 7.70 18.66 13.13
CA ALA E 131 7.24 17.34 12.74
C ALA E 131 7.90 16.22 13.54
N ILE E 132 9.07 16.47 14.11
CA ILE E 132 9.74 15.46 14.92
C ILE E 132 9.37 15.58 16.40
N SER E 133 9.24 16.79 16.92
CA SER E 133 8.90 16.97 18.32
C SER E 133 7.44 16.64 18.60
N SER E 134 6.53 17.35 17.94
CA SER E 134 5.09 17.17 18.10
C SER E 134 4.48 16.91 16.73
N PRO E 135 4.54 15.67 16.24
CA PRO E 135 4.00 15.39 14.90
C PRO E 135 2.50 15.56 14.81
N PHE E 136 1.76 15.23 15.87
CA PHE E 136 0.31 15.39 15.86
C PHE E 136 -0.08 16.85 15.74
N ARG E 137 0.50 17.71 16.60
CA ARG E 137 0.25 19.14 16.48
C ARG E 137 0.79 19.70 15.17
N TYR E 138 1.85 19.08 14.63
CA TYR E 138 2.37 19.50 13.34
C TYR E 138 1.34 19.28 12.22
N GLU E 139 0.78 18.08 12.17
CA GLU E 139 -0.22 17.78 11.14
C GLU E 139 -1.54 18.50 11.42
N ARG E 140 -1.82 18.86 12.67
CA ARG E 140 -3.06 19.54 12.98
C ARG E 140 -2.99 21.05 12.71
N LYS E 141 -1.83 21.66 12.89
CA LYS E 141 -1.66 23.10 12.72
C LYS E 141 -1.00 23.47 11.40
N MET E 142 0.12 22.82 11.06
CA MET E 142 0.86 23.16 9.85
C MET E 142 0.15 22.55 8.63
N THR E 143 -1.01 23.11 8.33
CA THR E 143 -1.76 22.75 7.14
C THR E 143 -1.07 23.37 5.91
N PRO E 144 -1.46 22.96 4.69
CA PRO E 144 -0.92 23.64 3.51
C PRO E 144 -1.15 25.15 3.53
N LYS E 145 -2.25 25.60 4.11
CA LYS E 145 -2.45 27.04 4.29
C LYS E 145 -1.41 27.61 5.25
N ALA E 146 -1.08 26.88 6.31
CA ALA E 146 -0.04 27.34 7.23
C ALA E 146 1.33 27.33 6.55
N ALA E 147 1.59 26.35 5.68
CA ALA E 147 2.83 26.34 4.92
C ALA E 147 2.91 27.55 3.99
N PHE E 148 1.79 27.87 3.34
CA PHE E 148 1.75 29.08 2.51
C PHE E 148 2.00 30.33 3.35
N ILE E 149 1.42 30.39 4.54
CA ILE E 149 1.64 31.52 5.42
C ILE E 149 3.11 31.65 5.79
N LEU E 150 3.76 30.54 6.12
CA LEU E 150 5.16 30.58 6.51
C LEU E 150 6.05 31.00 5.35
N ILE E 151 5.78 30.45 4.16
CA ILE E 151 6.57 30.81 2.98
C ILE E 151 6.38 32.27 2.64
N SER E 152 5.14 32.77 2.74
CA SER E 152 4.88 34.19 2.47
C SER E 152 5.56 35.07 3.50
N VAL E 153 5.57 34.66 4.76
CA VAL E 153 6.25 35.45 5.79
C VAL E 153 7.74 35.52 5.51
N ALA E 154 8.34 34.39 5.15
CA ALA E 154 9.77 34.38 4.83
C ALA E 154 10.07 35.28 3.63
N TRP E 155 9.25 35.19 2.59
CA TRP E 155 9.51 35.98 1.38
C TRP E 155 9.29 37.47 1.63
N THR E 156 8.28 37.83 2.43
CA THR E 156 8.08 39.24 2.74
C THR E 156 9.19 39.77 3.63
N LEU E 157 9.71 38.95 4.55
CA LEU E 157 10.89 39.36 5.31
C LEU E 157 12.07 39.61 4.38
N SER E 158 12.26 38.72 3.41
CA SER E 158 13.32 38.91 2.41
C SER E 158 13.11 40.23 1.66
N VAL E 159 11.87 40.52 1.27
CA VAL E 159 11.58 41.75 0.52
C VAL E 159 11.91 42.97 1.38
N LEU E 160 11.37 43.03 2.60
CA LEU E 160 11.62 44.18 3.46
C LEU E 160 13.08 44.31 3.88
N ILE E 161 13.85 43.22 3.80
CA ILE E 161 15.27 43.33 4.16
C ILE E 161 16.17 43.61 2.96
N SER E 162 15.69 43.40 1.73
CA SER E 162 16.50 43.62 0.55
C SER E 162 16.05 44.82 -0.27
N PHE E 163 14.79 44.84 -0.71
CA PHE E 163 14.33 45.88 -1.63
C PHE E 163 14.03 47.20 -0.95
N ILE E 164 13.72 47.19 0.35
CA ILE E 164 13.44 48.42 1.08
C ILE E 164 14.73 49.20 1.36
N PRO E 165 15.80 48.58 1.88
CA PRO E 165 17.01 49.39 2.16
C PRO E 165 17.67 49.94 0.92
N VAL E 166 17.60 49.24 -0.22
CA VAL E 166 18.28 49.74 -1.42
C VAL E 166 17.56 50.96 -1.98
N GLN E 167 16.25 51.07 -1.78
CA GLN E 167 15.52 52.25 -2.23
C GLN E 167 15.84 53.47 -1.38
N LEU E 168 16.30 53.27 -0.15
CA LEU E 168 16.71 54.36 0.72
C LEU E 168 18.22 54.47 0.86
N SER E 169 18.98 53.61 0.18
CA SER E 169 20.44 53.61 0.21
C SER E 169 20.96 53.46 1.64
N TRP E 170 20.65 52.32 2.24
CA TRP E 170 21.08 52.02 3.60
C TRP E 170 22.50 51.43 3.64
N HIS E 171 23.18 51.35 2.51
CA HIS E 171 24.53 50.81 2.43
C HIS E 171 25.50 51.91 2.02
N LYS E 172 26.69 51.88 2.60
CA LYS E 172 27.72 52.87 2.31
C LYS E 172 29.12 52.29 2.48
N ASN E 192 31.22 51.36 -11.63
CA ASN E 192 31.95 50.34 -10.87
C ASN E 192 31.07 49.74 -9.79
N CYS E 193 30.43 50.60 -8.99
CA CYS E 193 29.55 50.19 -7.91
C CYS E 193 30.27 49.24 -6.94
N ASP E 194 31.29 49.79 -6.29
CA ASP E 194 32.09 49.03 -5.34
C ASP E 194 31.22 48.46 -4.23
N SER E 195 31.49 47.21 -3.86
CA SER E 195 30.70 46.51 -2.85
C SER E 195 31.13 46.96 -1.47
N SER E 196 30.30 47.76 -0.81
CA SER E 196 30.61 48.25 0.53
C SER E 196 29.30 48.66 1.21
N LEU E 197 28.92 47.95 2.26
CA LEU E 197 27.72 48.27 3.02
C LEU E 197 28.06 49.21 4.18
N SER E 198 27.04 49.55 4.96
CA SER E 198 27.22 50.41 6.13
C SER E 198 27.48 49.56 7.37
N ARG E 199 28.18 50.16 8.33
CA ARG E 199 28.53 49.44 9.55
C ARG E 199 27.32 49.18 10.44
N THR E 200 26.24 49.94 10.26
CA THR E 200 25.05 49.78 11.09
C THR E 200 23.97 48.91 10.46
N TYR E 201 23.85 48.93 9.12
CA TYR E 201 22.81 48.17 8.46
C TYR E 201 23.24 46.75 8.10
N ALA E 202 24.52 46.53 7.79
CA ALA E 202 24.97 45.22 7.38
C ALA E 202 24.85 44.21 8.52
N ILE E 203 25.19 44.62 9.74
CA ILE E 203 25.11 43.71 10.87
C ILE E 203 23.66 43.33 11.16
N SER E 204 22.76 44.31 11.11
CA SER E 204 21.35 44.01 11.35
C SER E 204 20.76 43.15 10.25
N SER E 205 21.17 43.38 9.00
CA SER E 205 20.69 42.55 7.90
C SER E 205 21.19 41.12 8.01
N SER E 206 22.46 40.94 8.43
CA SER E 206 22.98 39.59 8.62
C SER E 206 22.35 38.91 9.82
N VAL E 207 21.95 39.68 10.84
CA VAL E 207 21.30 39.10 12.00
C VAL E 207 19.90 38.63 11.64
N ILE E 208 19.08 39.53 11.09
CA ILE E 208 17.70 39.18 10.73
C ILE E 208 17.61 38.31 9.48
N SER E 209 18.72 38.12 8.77
CA SER E 209 18.74 37.35 7.53
C SER E 209 19.46 36.02 7.67
N PHE E 210 20.59 35.98 8.39
CA PHE E 210 21.35 34.75 8.56
C PHE E 210 21.50 34.34 10.02
N TYR E 211 21.90 35.27 10.89
CA TYR E 211 22.27 34.88 12.26
C TYR E 211 21.08 34.33 13.03
N ILE E 212 19.92 34.96 12.94
CA ILE E 212 18.72 34.47 13.61
C ILE E 212 18.23 33.20 12.90
N PRO E 213 18.17 33.15 11.56
CA PRO E 213 17.82 31.87 10.92
C PRO E 213 18.81 30.75 11.19
N VAL E 214 20.12 31.04 11.19
CA VAL E 214 21.08 29.98 11.46
C VAL E 214 21.00 29.54 12.92
N ALA E 215 20.67 30.47 13.83
CA ALA E 215 20.50 30.09 15.23
C ALA E 215 19.28 29.20 15.40
N ILE E 216 18.18 29.54 14.73
CA ILE E 216 16.98 28.69 14.76
C ILE E 216 17.31 27.31 14.19
N MET E 217 18.07 27.27 13.09
CA MET E 217 18.44 26.00 12.49
C MET E 217 19.29 25.17 13.46
N ILE E 218 20.26 25.80 14.12
CA ILE E 218 21.13 25.08 15.05
C ILE E 218 20.33 24.54 16.23
N VAL E 219 19.45 25.37 16.81
CA VAL E 219 18.72 24.92 17.98
C VAL E 219 17.71 23.84 17.60
N THR E 220 17.14 23.91 16.40
CA THR E 220 16.20 22.88 15.97
C THR E 220 16.92 21.56 15.72
N TYR E 221 18.08 21.61 15.05
CA TYR E 221 18.82 20.39 14.76
C TYR E 221 19.50 19.82 15.99
N THR E 222 19.71 20.62 17.03
CA THR E 222 20.20 20.10 18.30
C THR E 222 19.08 19.65 19.22
N ARG E 223 17.84 20.09 18.96
CA ARG E 223 16.68 19.53 19.63
C ARG E 223 16.11 18.33 18.89
N ILE E 224 16.26 18.30 17.56
CA ILE E 224 15.94 17.10 16.81
C ILE E 224 16.90 15.97 17.17
N TYR E 225 18.19 16.29 17.27
CA TYR E 225 19.17 15.27 17.64
C TYR E 225 18.92 14.75 19.05
N ARG E 226 18.42 15.59 19.96
CA ARG E 226 18.05 15.11 21.28
C ARG E 226 16.83 14.21 21.24
N ILE E 227 16.04 14.27 20.17
CA ILE E 227 14.92 13.36 19.98
C ILE E 227 15.28 12.21 19.07
N ALA E 228 16.10 12.47 18.04
CA ALA E 228 16.55 11.40 17.16
C ALA E 228 17.42 10.40 17.92
N GLN E 229 18.25 10.88 18.85
CA GLN E 229 19.06 9.98 19.65
C GLN E 229 18.20 9.17 20.60
N LYS E 230 17.14 9.77 21.14
CA LYS E 230 16.20 9.01 21.97
C LYS E 230 15.51 7.92 21.15
N GLN E 231 15.11 8.24 19.92
CA GLN E 231 14.50 7.23 19.06
C GLN E 231 15.49 6.13 18.71
N ILE E 232 16.74 6.50 18.47
CA ILE E 232 17.76 5.49 18.17
C ILE E 232 18.00 4.59 19.38
N ARG E 233 18.00 5.16 20.57
CA ARG E 233 18.18 4.35 21.77
C ARG E 233 16.99 3.42 21.99
N ARG E 234 15.78 3.90 21.73
CA ARG E 234 14.60 3.05 21.84
C ARG E 234 14.60 1.95 20.78
N ILE E 235 15.15 2.23 19.60
CA ILE E 235 15.28 1.20 18.58
C ILE E 235 16.32 0.17 18.99
N ALA E 236 17.43 0.61 19.58
CA ALA E 236 18.48 -0.30 20.01
C ALA E 236 17.99 -1.18 21.17
N ALA E 237 17.20 -0.61 22.08
CA ALA E 237 16.68 -1.37 23.20
C ALA E 237 15.82 -2.55 22.76
N LEU E 238 15.30 -2.51 21.53
CA LEU E 238 14.55 -3.62 20.95
C LEU E 238 15.41 -4.49 20.05
N GLU E 239 16.33 -3.89 19.29
CA GLU E 239 17.17 -4.65 18.37
C GLU E 239 18.14 -5.54 19.13
N ARG E 240 18.88 -4.97 20.07
CA ARG E 240 19.82 -5.76 20.86
C ARG E 240 19.10 -6.77 21.74
N ALA E 241 17.87 -6.47 22.14
CA ALA E 241 17.11 -7.42 22.96
C ALA E 241 16.56 -8.58 22.14
N ALA E 242 16.22 -8.34 20.88
CA ALA E 242 15.75 -9.42 20.03
C ALA E 242 16.87 -10.39 19.68
N VAL E 243 18.11 -9.91 19.61
CA VAL E 243 19.25 -10.76 19.28
C VAL E 243 19.95 -11.32 20.51
N HIS E 244 19.44 -11.05 21.70
CA HIS E 244 20.03 -11.59 22.92
C HIS E 244 19.86 -13.11 22.99
N SER E 270 24.05 -0.99 19.49
CA SER E 270 24.41 0.20 20.26
C SER E 270 24.31 1.46 19.41
N PHE E 271 25.45 2.13 19.22
CA PHE E 271 25.51 3.35 18.42
C PHE E 271 25.78 3.08 16.95
N LYS E 272 25.54 1.86 16.48
CA LYS E 272 25.74 1.54 15.07
C LYS E 272 24.80 2.35 14.18
N ARG E 273 23.56 2.53 14.63
CA ARG E 273 22.61 3.37 13.90
C ARG E 273 22.65 4.82 14.35
N GLU E 274 23.23 5.10 15.53
CA GLU E 274 23.31 6.46 16.04
C GLU E 274 24.27 7.34 15.25
N THR E 275 25.11 6.76 14.39
CA THR E 275 26.01 7.54 13.56
C THR E 275 25.40 7.96 12.24
N LYS E 276 24.36 7.26 11.77
CA LYS E 276 23.73 7.65 10.51
C LYS E 276 22.98 8.97 10.65
N VAL E 277 22.29 9.16 11.78
CA VAL E 277 21.60 10.43 12.02
C VAL E 277 22.62 11.56 12.16
N LEU E 278 23.75 11.29 12.81
CA LEU E 278 24.81 12.29 12.91
C LEU E 278 25.36 12.65 11.55
N LYS E 279 25.57 11.64 10.68
CA LYS E 279 26.10 11.89 9.35
C LYS E 279 25.11 12.70 8.51
N THR E 280 23.82 12.39 8.60
CA THR E 280 22.85 13.14 7.81
C THR E 280 22.68 14.55 8.34
N LEU E 281 22.71 14.73 9.66
CA LEU E 281 22.68 16.08 10.22
C LEU E 281 23.91 16.87 9.79
N SER E 282 25.06 16.20 9.71
CA SER E 282 26.26 16.84 9.20
C SER E 282 26.05 17.31 7.77
N VAL E 283 25.68 16.39 6.88
CA VAL E 283 25.59 16.73 5.46
C VAL E 283 24.49 17.75 5.19
N ILE E 284 23.52 17.90 6.10
CA ILE E 284 22.47 18.89 5.89
C ILE E 284 22.69 20.21 6.64
N MET E 285 23.59 20.25 7.63
CA MET E 285 23.78 21.46 8.42
C MET E 285 25.19 22.02 8.37
N GLY E 286 26.21 21.16 8.48
CA GLY E 286 27.58 21.65 8.45
C GLY E 286 28.00 22.17 7.10
N VAL E 287 27.56 21.53 6.02
CA VAL E 287 27.89 22.03 4.70
C VAL E 287 27.16 23.33 4.42
N PHE E 288 26.13 23.64 5.20
CA PHE E 288 25.46 24.93 5.09
C PHE E 288 26.15 25.99 5.93
N VAL E 289 26.60 25.63 7.14
CA VAL E 289 27.28 26.58 8.01
C VAL E 289 28.76 26.72 7.69
N CYS E 290 29.28 25.98 6.71
CA CYS E 290 30.67 26.12 6.28
C CYS E 290 30.81 26.83 4.95
N CYS E 291 29.71 27.28 4.34
CA CYS E 291 29.75 28.09 3.13
C CYS E 291 29.09 29.45 3.29
N TRP E 292 28.10 29.58 4.17
CA TRP E 292 27.45 30.85 4.44
C TRP E 292 28.06 31.57 5.64
N LEU E 293 28.24 30.86 6.76
CA LEU E 293 28.84 31.48 7.94
C LEU E 293 30.27 31.96 7.71
N PRO E 294 31.17 31.21 7.06
CA PRO E 294 32.48 31.78 6.73
C PRO E 294 32.40 33.00 5.84
N PHE E 295 31.31 33.17 5.09
CA PHE E 295 31.12 34.39 4.32
C PHE E 295 30.56 35.51 5.19
N PHE E 296 29.63 35.19 6.09
CA PHE E 296 28.99 36.23 6.89
C PHE E 296 29.94 36.78 7.96
N ILE E 297 30.85 35.96 8.48
CA ILE E 297 31.79 36.44 9.47
C ILE E 297 32.72 37.51 8.88
N LEU E 298 32.88 37.51 7.56
CA LEU E 298 33.61 38.58 6.90
C LEU E 298 32.70 39.68 6.37
N ASN E 299 31.45 39.34 6.05
CA ASN E 299 30.51 40.35 5.58
C ASN E 299 30.12 41.32 6.69
N CYS E 300 30.01 40.86 7.93
CA CYS E 300 29.68 41.74 9.04
C CYS E 300 30.86 42.58 9.50
N ILE E 301 32.09 42.11 9.28
CA ILE E 301 33.27 42.87 9.67
C ILE E 301 33.82 43.73 8.53
N LEU E 302 33.31 43.58 7.32
CA LEU E 302 33.80 44.38 6.20
C LEU E 302 33.50 45.87 6.37
N PRO E 303 32.26 46.30 6.68
CA PRO E 303 32.04 47.73 6.88
C PRO E 303 32.63 48.27 8.17
N PHE E 304 33.03 47.39 9.10
CA PHE E 304 33.61 47.81 10.36
C PHE E 304 35.10 48.07 10.27
N CYS E 305 35.76 47.65 9.19
CA CYS E 305 37.19 47.87 9.02
C CYS E 305 37.46 48.79 7.83
N CYS E 314 41.60 43.36 7.96
CA CYS E 314 40.48 42.44 8.00
C CYS E 314 40.55 41.45 6.84
N ILE E 315 39.91 41.81 5.73
CA ILE E 315 39.87 40.99 4.54
C ILE E 315 40.32 41.83 3.35
N ASP E 316 40.34 41.20 2.17
CA ASP E 316 40.72 41.86 0.92
C ASP E 316 39.66 41.55 -0.14
N SER E 317 39.88 42.09 -1.34
CA SER E 317 38.95 41.87 -2.43
C SER E 317 39.13 40.52 -3.11
N ASN E 318 40.21 39.80 -2.79
CA ASN E 318 40.49 38.50 -3.40
C ASN E 318 39.91 37.34 -2.62
N THR E 319 39.52 37.54 -1.36
CA THR E 319 38.96 36.48 -0.53
C THR E 319 37.46 36.60 -0.34
N PHE E 320 36.93 37.83 -0.30
CA PHE E 320 35.50 38.01 -0.09
C PHE E 320 34.70 37.55 -1.31
N ASP E 321 35.22 37.82 -2.52
CA ASP E 321 34.50 37.47 -3.73
C ASP E 321 34.43 35.96 -3.96
N VAL E 322 35.31 35.19 -3.32
CA VAL E 322 35.25 33.73 -3.45
C VAL E 322 34.54 33.15 -2.24
N PHE E 323 34.61 33.86 -1.11
CA PHE E 323 33.86 33.41 0.05
C PHE E 323 32.35 33.58 -0.15
N VAL E 324 31.94 34.56 -0.96
CA VAL E 324 30.53 34.66 -1.31
C VAL E 324 30.17 33.61 -2.36
N TRP E 325 31.10 33.27 -3.24
CA TRP E 325 30.87 32.16 -4.17
C TRP E 325 30.76 30.83 -3.43
N PHE E 326 31.39 30.69 -2.27
CA PHE E 326 31.19 29.50 -1.45
C PHE E 326 29.73 29.39 -1.01
N GLY E 327 29.15 30.50 -0.54
CA GLY E 327 27.75 30.48 -0.18
C GLY E 327 26.84 30.26 -1.37
N TRP E 328 27.25 30.75 -2.55
CA TRP E 328 26.46 30.54 -3.75
C TRP E 328 26.58 29.10 -4.26
N ALA E 329 27.68 28.41 -3.93
CA ALA E 329 27.81 26.99 -4.22
C ALA E 329 27.12 26.13 -3.18
N ASN E 330 26.91 26.65 -1.98
CA ASN E 330 25.97 26.01 -1.06
C ASN E 330 24.60 25.88 -1.73
N SER E 331 24.23 26.85 -2.56
CA SER E 331 23.03 26.74 -3.38
C SER E 331 23.14 25.65 -4.43
N SER E 332 24.35 25.29 -4.87
CA SER E 332 24.51 24.15 -5.76
C SER E 332 24.36 22.84 -5.01
N LEU E 333 24.84 22.79 -3.77
CA LEU E 333 24.75 21.57 -2.96
C LEU E 333 23.38 21.39 -2.31
N ASN E 334 22.57 22.44 -2.23
CA ASN E 334 21.25 22.32 -1.61
C ASN E 334 20.33 21.31 -2.30
N PRO E 335 20.21 21.28 -3.64
CA PRO E 335 19.32 20.27 -4.25
C PRO E 335 19.68 18.83 -3.91
N ILE E 336 20.95 18.56 -3.58
CA ILE E 336 21.33 17.23 -3.15
C ILE E 336 20.91 16.99 -1.70
N ILE E 337 20.75 18.06 -0.93
CA ILE E 337 20.45 17.93 0.50
C ILE E 337 18.98 17.55 0.71
N TYR E 338 18.06 18.39 0.24
CA TYR E 338 16.65 18.24 0.53
C TYR E 338 15.90 17.48 -0.55
N ALA E 339 16.60 16.73 -1.41
CA ALA E 339 15.97 15.86 -2.39
C ALA E 339 16.62 14.49 -2.44
N PHE E 340 17.33 14.10 -1.37
CA PHE E 340 17.96 12.79 -1.30
C PHE E 340 16.98 11.67 -0.96
N ASN E 341 15.72 12.01 -0.69
CA ASN E 341 14.73 11.00 -0.35
C ASN E 341 14.44 10.10 -1.55
N ALA E 342 13.71 9.01 -1.29
CA ALA E 342 13.45 8.03 -2.33
C ALA E 342 12.53 8.59 -3.42
N ASP E 343 11.49 9.33 -3.01
CA ASP E 343 10.54 9.87 -3.98
C ASP E 343 11.23 10.86 -4.92
N PHE E 344 12.00 11.80 -4.36
CA PHE E 344 12.72 12.75 -5.19
C PHE E 344 13.79 12.05 -6.04
N ARG E 345 14.40 10.99 -5.50
CA ARG E 345 15.39 10.24 -6.28
C ARG E 345 14.75 9.60 -7.50
N LYS E 346 13.58 8.98 -7.33
CA LYS E 346 12.90 8.38 -8.47
C LYS E 346 12.41 9.46 -9.45
N ALA E 347 11.93 10.59 -8.93
CA ALA E 347 11.48 11.66 -9.80
C ALA E 347 12.64 12.26 -10.60
N PHE E 348 13.85 12.21 -10.05
CA PHE E 348 15.02 12.71 -10.78
C PHE E 348 15.52 11.67 -11.77
N SER E 349 15.45 10.38 -11.41
CA SER E 349 15.92 9.33 -12.31
C SER E 349 15.00 9.19 -13.52
N THR E 350 13.69 9.38 -13.32
CA THR E 350 12.77 9.26 -14.44
C THR E 350 12.86 10.46 -15.38
N LEU E 351 13.40 11.58 -14.91
CA LEU E 351 13.57 12.76 -15.74
C LEU E 351 14.89 13.46 -15.42
#